data_4URO
#
_entry.id   4URO
#
_cell.length_a   74.280
_cell.length_b   68.590
_cell.length_c   85.720
_cell.angle_alpha   90.00
_cell.angle_beta   91.72
_cell.angle_gamma   90.00
#
_symmetry.space_group_name_H-M   'P 1 21 1'
#
loop_
_entity.id
_entity.type
_entity.pdbx_description
1 polymer 'DNA GYRASE SUBUNIT B'
2 non-polymer NOVOBIOCIN
3 water water
#
_entity_poly.entity_id   1
_entity_poly.type   'polypeptide(L)'
_entity_poly.pdbx_seq_one_letter_code
;MVTALSDVNNTDNYGAGQIQVLEGLEAARKRPGMYIGSTSERGLHHLVWEIVDNSIDEALAGYANQIEVVIEKDNWIKVT
DNGRGIPVDIQEKMGRPAVEVILTVLHAGGKFGGGGYKVSGGLHGVGSSVVNALSQDLEVYVHRNETIYHQAYKKGVPQF
DLKEVGTTDKTGTVIRFKADGEIFTETTVYNYETLQQRIRELAFLNKGIQITLRDERDEENVREDSYHYEG
;
_entity_poly.pdbx_strand_id   A,B,C,D
#
loop_
_chem_comp.id
_chem_comp.type
_chem_comp.name
_chem_comp.formula
NOV non-polymer NOVOBIOCIN 'C31 H36 N2 O11'
#
# COMPACT_ATOMS: atom_id res chain seq x y z
N GLU A 26 -17.54 -21.06 -13.11
CA GLU A 26 -17.46 -21.02 -14.57
C GLU A 26 -16.96 -19.68 -15.08
N ALA A 27 -16.78 -18.70 -14.17
CA ALA A 27 -16.28 -17.36 -14.47
C ALA A 27 -14.81 -17.43 -14.89
N ALA A 28 -13.99 -18.16 -14.10
CA ALA A 28 -12.56 -18.37 -14.33
C ALA A 28 -12.32 -19.42 -15.42
N ARG A 29 -13.17 -20.45 -15.49
CA ARG A 29 -13.07 -21.55 -16.46
C ARG A 29 -13.31 -21.11 -17.91
N LYS A 30 -14.40 -20.35 -18.17
CA LYS A 30 -14.78 -19.84 -19.50
C LYS A 30 -13.69 -18.97 -20.13
N ARG A 31 -13.14 -18.02 -19.35
CA ARG A 31 -12.07 -17.12 -19.77
C ARG A 31 -10.88 -17.27 -18.79
N PRO A 32 -10.05 -18.34 -18.95
CA PRO A 32 -8.91 -18.53 -18.02
C PRO A 32 -7.78 -17.53 -18.18
N GLY A 33 -7.74 -16.85 -19.33
CA GLY A 33 -6.75 -15.84 -19.69
C GLY A 33 -6.76 -14.61 -18.80
N MET A 34 -7.96 -14.18 -18.37
CA MET A 34 -8.14 -13.00 -17.51
C MET A 34 -7.62 -13.20 -16.07
N TYR A 35 -7.83 -14.42 -15.51
CA TYR A 35 -7.47 -14.79 -14.16
C TYR A 35 -6.01 -15.22 -13.93
N ILE A 36 -5.43 -16.05 -14.83
CA ILE A 36 -4.05 -16.56 -14.66
C ILE A 36 -3.04 -16.02 -15.71
N GLY A 37 -3.52 -15.69 -16.91
CA GLY A 37 -2.68 -15.19 -18.01
C GLY A 37 -2.84 -16.03 -19.26
N SER A 38 -1.99 -17.06 -19.40
CA SER A 38 -2.02 -17.99 -20.52
C SER A 38 -2.25 -19.44 -20.03
N THR A 39 -2.82 -20.30 -20.89
CA THR A 39 -3.09 -21.70 -20.56
C THR A 39 -1.90 -22.60 -21.00
N SER A 40 -0.73 -21.99 -21.27
CA SER A 40 0.48 -22.68 -21.70
C SER A 40 1.26 -23.18 -20.47
N GLU A 41 2.57 -23.42 -20.63
CA GLU A 41 3.47 -23.83 -19.56
C GLU A 41 3.58 -22.68 -18.53
N ARG A 42 3.64 -21.40 -19.01
CA ARG A 42 3.72 -20.18 -18.20
C ARG A 42 2.56 -20.10 -17.21
N GLY A 43 1.34 -20.35 -17.70
CA GLY A 43 0.13 -20.34 -16.88
C GLY A 43 0.04 -21.55 -15.97
N LEU A 44 0.66 -22.67 -16.39
CA LEU A 44 0.66 -23.89 -15.59
C LEU A 44 1.51 -23.67 -14.31
N HIS A 45 2.74 -23.12 -14.46
CA HIS A 45 3.59 -22.91 -13.29
C HIS A 45 3.04 -21.80 -12.37
N HIS A 46 2.17 -20.91 -12.92
CA HIS A 46 1.55 -19.84 -12.15
C HIS A 46 0.61 -20.37 -11.13
N LEU A 47 0.09 -21.60 -11.32
CA LEU A 47 -0.79 -22.30 -10.38
C LEU A 47 -0.06 -22.54 -9.06
N VAL A 48 1.21 -23.01 -9.15
CA VAL A 48 2.16 -23.28 -8.07
C VAL A 48 2.53 -21.96 -7.37
N TRP A 49 2.90 -20.88 -8.11
CA TRP A 49 3.28 -19.58 -7.53
C TRP A 49 2.23 -18.98 -6.64
N GLU A 50 0.95 -19.04 -7.06
CA GLU A 50 -0.18 -18.52 -6.31
C GLU A 50 -0.34 -19.25 -4.98
N ILE A 51 -0.37 -20.63 -5.01
CA ILE A 51 -0.48 -21.46 -3.81
C ILE A 51 0.70 -21.22 -2.86
N VAL A 52 1.93 -21.19 -3.38
CA VAL A 52 3.13 -20.91 -2.57
C VAL A 52 3.06 -19.48 -1.96
N ASP A 53 2.59 -18.46 -2.75
CA ASP A 53 2.47 -17.08 -2.25
C ASP A 53 1.62 -16.98 -0.96
N ASN A 54 0.61 -17.85 -0.82
CA ASN A 54 -0.25 -17.90 0.34
C ASN A 54 0.53 -18.39 1.58
N SER A 55 1.45 -19.37 1.38
CA SER A 55 2.29 -19.93 2.45
C SER A 55 3.35 -18.93 2.89
N ILE A 56 3.92 -18.15 1.94
CA ILE A 56 4.94 -17.08 2.18
C ILE A 56 4.31 -15.95 2.98
N ASP A 57 3.04 -15.62 2.69
CA ASP A 57 2.27 -14.61 3.40
C ASP A 57 2.18 -14.96 4.88
N GLU A 58 1.93 -16.25 5.16
CA GLU A 58 1.83 -16.78 6.52
C GLU A 58 3.17 -16.67 7.24
N ALA A 59 4.25 -16.90 6.53
CA ALA A 59 5.57 -16.75 7.06
C ALA A 59 5.99 -15.31 7.31
N LEU A 60 5.55 -14.41 6.46
CA LEU A 60 5.81 -12.97 6.60
C LEU A 60 5.07 -12.33 7.75
N ALA A 61 3.96 -12.95 8.17
CA ALA A 61 3.14 -12.47 9.28
C ALA A 61 3.74 -12.96 10.63
N GLY A 62 4.75 -13.83 10.56
CA GLY A 62 5.45 -14.39 11.70
C GLY A 62 4.91 -15.72 12.21
N TYR A 63 4.01 -16.39 11.42
CA TYR A 63 3.32 -17.63 11.80
C TYR A 63 3.72 -18.91 11.08
N ALA A 64 4.72 -18.87 10.17
CA ALA A 64 5.24 -20.05 9.44
C ALA A 64 6.74 -19.84 9.11
N ASN A 65 7.51 -20.91 8.98
CA ASN A 65 8.94 -20.80 8.67
C ASN A 65 9.39 -21.93 7.73
N GLN A 66 8.45 -22.80 7.37
CA GLN A 66 8.73 -23.95 6.50
C GLN A 66 7.66 -24.14 5.46
N ILE A 67 8.09 -24.21 4.19
CA ILE A 67 7.22 -24.43 3.05
C ILE A 67 7.80 -25.56 2.25
N GLU A 68 6.96 -26.50 1.85
CA GLU A 68 7.41 -27.61 1.04
C GLU A 68 6.57 -27.77 -0.25
N VAL A 69 7.24 -27.67 -1.41
CA VAL A 69 6.62 -27.85 -2.74
C VAL A 69 7.02 -29.25 -3.31
N VAL A 70 6.02 -30.12 -3.49
CA VAL A 70 6.21 -31.48 -4.02
C VAL A 70 5.50 -31.69 -5.39
N ILE A 71 6.25 -32.23 -6.36
CA ILE A 71 5.72 -32.62 -7.70
C ILE A 71 5.52 -34.12 -7.53
N GLU A 72 4.27 -34.53 -7.40
CA GLU A 72 3.91 -35.94 -7.15
C GLU A 72 3.60 -36.70 -8.45
N LYS A 73 3.31 -38.03 -8.33
CA LYS A 73 2.94 -38.93 -9.43
C LYS A 73 1.71 -38.33 -10.16
N ASP A 74 1.74 -38.34 -11.52
CA ASP A 74 0.70 -37.80 -12.42
C ASP A 74 0.65 -36.30 -12.41
N ASN A 75 1.77 -35.67 -12.02
CA ASN A 75 1.95 -34.21 -11.97
C ASN A 75 0.92 -33.51 -11.06
N TRP A 76 0.69 -34.09 -9.89
CA TRP A 76 -0.13 -33.46 -8.87
C TRP A 76 0.87 -32.56 -8.15
N ILE A 77 0.40 -31.45 -7.62
CA ILE A 77 1.29 -30.56 -6.86
C ILE A 77 0.86 -30.58 -5.39
N LYS A 78 1.81 -30.64 -4.48
CA LYS A 78 1.50 -30.60 -3.05
C LYS A 78 2.28 -29.47 -2.44
N VAL A 79 1.58 -28.51 -1.79
CA VAL A 79 2.24 -27.37 -1.12
C VAL A 79 1.83 -27.45 0.36
N THR A 80 2.84 -27.55 1.24
CA THR A 80 2.65 -27.66 2.70
C THR A 80 3.38 -26.53 3.40
N ASP A 81 2.79 -26.01 4.49
CA ASP A 81 3.38 -25.00 5.35
C ASP A 81 3.09 -25.35 6.82
N ASN A 82 3.82 -24.72 7.76
CA ASN A 82 3.57 -24.95 9.17
C ASN A 82 2.92 -23.68 9.76
N GLY A 83 2.01 -23.09 8.98
CA GLY A 83 1.26 -21.90 9.34
C GLY A 83 0.20 -22.16 10.38
N ARG A 84 -0.76 -21.23 10.56
CA ARG A 84 -1.81 -21.39 11.56
C ARG A 84 -2.93 -22.34 11.11
N GLY A 85 -2.95 -22.65 9.81
CA GLY A 85 -3.99 -23.46 9.18
C GLY A 85 -5.12 -22.53 8.77
N ILE A 86 -5.63 -22.64 7.52
CA ILE A 86 -6.72 -21.74 7.06
C ILE A 86 -7.90 -21.92 8.03
N PRO A 87 -8.48 -20.84 8.62
CA PRO A 87 -9.57 -21.04 9.58
C PRO A 87 -10.74 -21.86 9.02
N VAL A 88 -11.36 -22.63 9.92
CA VAL A 88 -12.45 -23.57 9.66
C VAL A 88 -13.84 -23.12 10.23
N ASP A 89 -13.84 -22.07 11.07
CA ASP A 89 -15.04 -21.55 11.69
C ASP A 89 -16.09 -21.02 10.68
N ILE A 90 -17.37 -21.26 10.99
CA ILE A 90 -18.49 -20.82 10.16
C ILE A 90 -18.51 -19.29 10.12
N GLN A 91 -18.55 -18.74 8.90
CA GLN A 91 -18.62 -17.31 8.66
C GLN A 91 -20.12 -16.99 8.74
N GLU A 92 -20.52 -16.20 9.76
CA GLU A 92 -21.90 -15.82 10.09
C GLU A 92 -22.80 -15.46 8.88
N LYS A 93 -22.30 -14.69 7.91
CA LYS A 93 -23.10 -14.29 6.74
C LYS A 93 -23.35 -15.47 5.77
N MET A 94 -22.24 -16.06 5.26
CA MET A 94 -22.19 -17.18 4.32
C MET A 94 -22.81 -18.49 4.87
N GLY A 95 -22.57 -18.78 6.14
CA GLY A 95 -23.05 -19.99 6.79
C GLY A 95 -22.24 -21.21 6.41
N ARG A 96 -20.96 -20.99 6.00
CA ARG A 96 -20.01 -22.04 5.57
C ARG A 96 -18.65 -21.83 6.21
N PRO A 97 -17.80 -22.89 6.42
CA PRO A 97 -16.44 -22.66 6.99
C PRO A 97 -15.61 -21.69 6.14
N ALA A 98 -14.68 -20.94 6.78
CA ALA A 98 -13.83 -19.98 6.08
C ALA A 98 -13.01 -20.62 4.93
N VAL A 99 -12.39 -21.80 5.15
CA VAL A 99 -11.60 -22.52 4.13
C VAL A 99 -12.42 -22.70 2.83
N GLU A 100 -13.70 -23.08 2.97
CA GLU A 100 -14.60 -23.27 1.84
C GLU A 100 -14.79 -21.98 1.08
N VAL A 101 -15.01 -20.87 1.79
CA VAL A 101 -15.23 -19.53 1.26
C VAL A 101 -14.03 -19.06 0.43
N ILE A 102 -12.83 -19.07 1.03
CA ILE A 102 -11.58 -18.67 0.39
C ILE A 102 -11.32 -19.42 -0.90
N LEU A 103 -11.55 -20.73 -0.89
CA LEU A 103 -11.26 -21.58 -2.05
C LEU A 103 -12.30 -21.62 -3.17
N THR A 104 -13.48 -21.02 -2.98
CA THR A 104 -14.55 -21.08 -4.00
C THR A 104 -15.16 -19.71 -4.44
N VAL A 105 -14.46 -18.55 -4.23
CA VAL A 105 -14.88 -17.17 -4.59
C VAL A 105 -15.47 -17.08 -6.02
N GLY A 125 -6.53 -15.81 -1.41
CA GLY A 125 -7.86 -15.18 -1.46
C GLY A 125 -8.59 -15.44 -2.76
N VAL A 126 -8.38 -14.53 -3.75
CA VAL A 126 -8.99 -14.66 -5.08
C VAL A 126 -8.17 -15.73 -5.80
N GLY A 127 -6.84 -15.63 -5.63
CA GLY A 127 -5.85 -16.53 -6.21
C GLY A 127 -6.07 -18.01 -5.98
N SER A 128 -6.34 -18.43 -4.72
CA SER A 128 -6.58 -19.84 -4.35
C SER A 128 -7.80 -20.39 -5.09
N SER A 129 -8.89 -19.59 -5.20
CA SER A 129 -10.14 -19.89 -5.89
C SER A 129 -9.90 -20.17 -7.35
N VAL A 130 -9.05 -19.32 -8.00
CA VAL A 130 -8.70 -19.43 -9.42
C VAL A 130 -7.95 -20.76 -9.64
N VAL A 131 -6.96 -21.07 -8.76
CA VAL A 131 -6.21 -22.34 -8.85
C VAL A 131 -7.21 -23.51 -8.72
N ASN A 132 -8.17 -23.40 -7.78
CA ASN A 132 -9.19 -24.43 -7.55
C ASN A 132 -10.11 -24.66 -8.78
N ALA A 133 -10.49 -23.56 -9.45
CA ALA A 133 -11.36 -23.51 -10.61
C ALA A 133 -10.72 -24.11 -11.84
N LEU A 134 -9.38 -23.91 -11.97
CA LEU A 134 -8.52 -24.35 -13.08
C LEU A 134 -7.92 -25.71 -12.86
N SER A 135 -8.36 -26.40 -11.79
CA SER A 135 -7.91 -27.74 -11.40
C SER A 135 -9.05 -28.74 -11.48
N GLN A 136 -8.82 -29.90 -12.08
CA GLN A 136 -9.81 -30.95 -12.18
C GLN A 136 -10.07 -31.59 -10.80
N ASP A 137 -9.08 -31.50 -9.90
CA ASP A 137 -9.15 -32.03 -8.54
C ASP A 137 -8.24 -31.21 -7.66
N LEU A 138 -8.74 -30.82 -6.51
CA LEU A 138 -8.00 -30.06 -5.50
C LEU A 138 -8.42 -30.54 -4.13
N GLU A 139 -7.40 -30.83 -3.28
CA GLU A 139 -7.59 -31.28 -1.92
C GLU A 139 -6.88 -30.34 -0.94
N VAL A 140 -7.56 -30.03 0.17
CA VAL A 140 -7.06 -29.20 1.25
C VAL A 140 -7.21 -29.96 2.56
N TYR A 141 -6.11 -29.96 3.32
CA TYR A 141 -6.01 -30.55 4.65
C TYR A 141 -5.57 -29.41 5.56
N VAL A 142 -6.38 -29.11 6.57
CA VAL A 142 -6.08 -28.04 7.50
C VAL A 142 -5.75 -28.70 8.84
N HIS A 143 -4.61 -28.32 9.43
CA HIS A 143 -4.17 -28.78 10.74
C HIS A 143 -4.37 -27.54 11.62
N ARG A 144 -5.41 -27.57 12.44
CA ARG A 144 -5.80 -26.47 13.34
C ARG A 144 -6.66 -27.06 14.45
N ASN A 145 -6.59 -26.48 15.68
CA ASN A 145 -7.37 -26.90 16.87
C ASN A 145 -7.21 -28.37 17.20
N GLU A 146 -5.97 -28.88 17.08
CA GLU A 146 -5.56 -30.28 17.31
C GLU A 146 -6.33 -31.30 16.43
N THR A 147 -7.06 -30.82 15.41
CA THR A 147 -7.84 -31.64 14.46
C THR A 147 -7.29 -31.50 13.00
N ILE A 148 -7.55 -32.52 12.15
CA ILE A 148 -7.20 -32.52 10.72
C ILE A 148 -8.55 -32.40 9.98
N TYR A 149 -8.77 -31.30 9.26
CA TYR A 149 -9.98 -30.96 8.51
C TYR A 149 -9.75 -31.19 7.00
N HIS A 150 -10.71 -31.80 6.29
CA HIS A 150 -10.52 -32.09 4.86
C HIS A 150 -11.74 -31.77 3.98
N GLN A 151 -11.44 -31.26 2.80
CA GLN A 151 -12.37 -30.96 1.73
C GLN A 151 -11.68 -31.15 0.37
N ALA A 152 -12.39 -31.78 -0.57
CA ALA A 152 -11.96 -32.00 -1.94
C ALA A 152 -12.94 -31.27 -2.88
N TYR A 153 -12.43 -30.81 -4.01
CA TYR A 153 -13.17 -30.04 -5.03
C TYR A 153 -12.91 -30.64 -6.43
N LYS A 154 -13.82 -30.33 -7.36
CA LYS A 154 -13.68 -30.75 -8.78
C LYS A 154 -14.07 -29.52 -9.57
N LYS A 155 -13.15 -28.99 -10.38
CA LYS A 155 -13.34 -27.79 -11.19
C LYS A 155 -13.78 -26.57 -10.34
N GLY A 156 -13.42 -26.58 -9.06
CA GLY A 156 -13.74 -25.51 -8.10
C GLY A 156 -14.98 -25.77 -7.28
N VAL A 157 -15.68 -26.88 -7.59
CA VAL A 157 -16.95 -27.30 -6.98
C VAL A 157 -16.73 -28.21 -5.80
N PRO A 158 -17.20 -27.81 -4.59
CA PRO A 158 -17.06 -28.71 -3.41
C PRO A 158 -17.76 -30.05 -3.59
N GLN A 159 -17.00 -31.14 -3.43
CA GLN A 159 -17.52 -32.51 -3.57
C GLN A 159 -18.27 -32.99 -2.34
N PHE A 160 -17.94 -32.43 -1.16
CA PHE A 160 -18.53 -32.78 0.14
C PHE A 160 -18.20 -31.69 1.14
N ASP A 161 -18.99 -31.58 2.21
CA ASP A 161 -18.80 -30.59 3.29
C ASP A 161 -17.49 -30.87 4.06
N LEU A 162 -16.91 -29.83 4.67
CA LEU A 162 -15.69 -29.97 5.46
C LEU A 162 -15.94 -31.01 6.56
N LYS A 163 -15.10 -32.03 6.56
CA LYS A 163 -15.15 -33.16 7.46
C LYS A 163 -13.87 -33.20 8.32
N GLU A 164 -13.95 -33.82 9.51
CA GLU A 164 -12.81 -34.00 10.41
C GLU A 164 -12.35 -35.40 10.13
N VAL A 165 -11.08 -35.54 9.78
CA VAL A 165 -10.47 -36.80 9.36
C VAL A 165 -9.30 -37.25 10.24
N GLY A 166 -8.98 -36.46 11.26
CA GLY A 166 -7.86 -36.82 12.13
C GLY A 166 -7.57 -35.90 13.27
N THR A 167 -6.48 -36.19 14.01
CA THR A 167 -6.01 -35.41 15.17
C THR A 167 -4.57 -35.10 14.97
N THR A 168 -4.15 -33.92 15.44
CA THR A 168 -2.78 -33.42 15.28
C THR A 168 -2.29 -32.65 16.50
N ASP A 169 -0.97 -32.50 16.58
CA ASP A 169 -0.18 -31.76 17.58
C ASP A 169 0.42 -30.51 16.86
N LYS A 170 0.42 -30.55 15.51
CA LYS A 170 0.96 -29.54 14.61
C LYS A 170 -0.11 -28.61 14.01
N THR A 171 0.33 -27.47 13.47
CA THR A 171 -0.54 -26.51 12.76
C THR A 171 0.09 -26.34 11.37
N GLY A 172 -0.75 -26.01 10.39
CA GLY A 172 -0.36 -25.80 9.00
C GLY A 172 -1.38 -26.20 7.96
N THR A 173 -1.11 -25.91 6.70
CA THR A 173 -2.02 -26.22 5.59
C THR A 173 -1.33 -27.02 4.53
N VAL A 174 -2.04 -28.01 3.95
CA VAL A 174 -1.59 -28.88 2.87
C VAL A 174 -2.61 -28.67 1.76
N ILE A 175 -2.15 -28.20 0.57
CA ILE A 175 -2.95 -28.00 -0.64
C ILE A 175 -2.39 -28.89 -1.76
N ARG A 176 -3.21 -29.84 -2.23
CA ARG A 176 -2.89 -30.79 -3.31
C ARG A 176 -3.75 -30.49 -4.54
N PHE A 177 -3.17 -30.31 -5.70
CA PHE A 177 -3.97 -30.04 -6.88
C PHE A 177 -3.42 -30.66 -8.17
N LYS A 178 -4.31 -30.98 -9.08
CA LYS A 178 -4.05 -31.53 -10.41
C LYS A 178 -4.65 -30.52 -11.39
N ALA A 179 -3.84 -29.92 -12.22
CA ALA A 179 -4.24 -28.92 -13.22
C ALA A 179 -5.24 -29.51 -14.25
N ASP A 180 -6.29 -28.74 -14.62
CA ASP A 180 -7.30 -29.19 -15.57
C ASP A 180 -6.69 -29.37 -16.95
N GLY A 181 -6.66 -30.62 -17.41
CA GLY A 181 -6.14 -30.97 -18.72
C GLY A 181 -6.97 -30.37 -19.84
N GLU A 182 -8.29 -30.17 -19.61
CA GLU A 182 -9.23 -29.56 -20.56
C GLU A 182 -8.93 -28.06 -20.73
N ILE A 183 -8.34 -27.42 -19.68
CA ILE A 183 -7.95 -26.00 -19.69
C ILE A 183 -6.51 -25.83 -20.21
N PHE A 184 -5.54 -26.55 -19.60
CA PHE A 184 -4.15 -26.54 -20.02
C PHE A 184 -4.02 -27.65 -21.08
N THR A 185 -4.38 -27.29 -22.33
CA THR A 185 -4.40 -28.20 -23.49
C THR A 185 -3.00 -28.45 -24.10
N GLU A 186 -2.03 -27.56 -23.86
CA GLU A 186 -0.65 -27.70 -24.34
C GLU A 186 0.02 -28.78 -23.48
N THR A 187 0.62 -28.40 -22.31
CA THR A 187 1.29 -29.33 -21.40
C THR A 187 0.69 -29.31 -20.00
N THR A 188 0.86 -30.42 -19.26
CA THR A 188 0.39 -30.56 -17.87
C THR A 188 1.53 -31.07 -16.99
N VAL A 189 2.76 -31.06 -17.56
CA VAL A 189 4.00 -31.48 -16.95
C VAL A 189 4.78 -30.24 -16.53
N TYR A 190 5.11 -30.17 -15.23
CA TYR A 190 5.87 -29.10 -14.61
C TYR A 190 7.36 -29.29 -14.93
N ASN A 191 8.03 -28.18 -15.27
CA ASN A 191 9.47 -28.19 -15.53
C ASN A 191 10.10 -27.86 -14.15
N TYR A 192 10.79 -28.86 -13.57
CA TYR A 192 11.47 -28.75 -12.29
C TYR A 192 12.30 -27.48 -12.19
N GLU A 193 13.17 -27.19 -13.21
CA GLU A 193 14.07 -26.03 -13.25
C GLU A 193 13.34 -24.70 -13.12
N THR A 194 12.18 -24.55 -13.81
CA THR A 194 11.33 -23.38 -13.73
C THR A 194 10.87 -23.19 -12.26
N LEU A 195 10.50 -24.30 -11.55
CA LEU A 195 10.05 -24.28 -10.16
C LEU A 195 11.19 -23.94 -9.21
N GLN A 196 12.36 -24.59 -9.36
CA GLN A 196 13.58 -24.40 -8.59
C GLN A 196 14.05 -22.93 -8.61
N GLN A 197 14.07 -22.30 -9.83
CA GLN A 197 14.47 -20.92 -10.04
C GLN A 197 13.63 -19.91 -9.27
N ARG A 198 12.31 -20.04 -9.31
CA ARG A 198 11.46 -19.10 -8.57
C ARG A 198 11.49 -19.40 -7.08
N ILE A 199 11.57 -20.69 -6.68
CA ILE A 199 11.63 -21.01 -5.26
C ILE A 199 12.94 -20.45 -4.65
N ARG A 200 14.08 -20.56 -5.35
CA ARG A 200 15.34 -20.01 -4.90
C ARG A 200 15.20 -18.47 -4.68
N GLU A 201 14.59 -17.75 -5.67
CA GLU A 201 14.36 -16.31 -5.60
C GLU A 201 13.50 -15.95 -4.39
N LEU A 202 12.46 -16.70 -4.12
CA LEU A 202 11.58 -16.37 -3.05
C LEU A 202 12.16 -16.60 -1.68
N ALA A 203 12.95 -17.65 -1.52
CA ALA A 203 13.70 -17.87 -0.30
C ALA A 203 14.75 -16.81 -0.05
N PHE A 204 15.42 -16.37 -1.09
CA PHE A 204 16.28 -15.20 -1.01
C PHE A 204 15.57 -13.87 -0.73
N LEU A 205 14.43 -13.62 -1.31
CA LEU A 205 13.64 -12.44 -1.00
C LEU A 205 13.09 -12.42 0.39
N ASN A 206 12.71 -13.58 0.87
CA ASN A 206 12.09 -13.68 2.15
C ASN A 206 12.94 -14.48 3.08
N LYS A 207 13.88 -13.81 3.68
CA LYS A 207 14.86 -14.37 4.54
C LYS A 207 14.34 -15.11 5.75
N GLY A 208 14.93 -16.25 6.03
CA GLY A 208 14.58 -17.04 7.18
C GLY A 208 13.54 -18.12 6.98
N ILE A 209 12.93 -18.13 5.82
CA ILE A 209 11.98 -19.13 5.50
C ILE A 209 12.63 -20.27 4.77
N GLN A 210 12.42 -21.47 5.24
CA GLN A 210 12.89 -22.63 4.56
C GLN A 210 11.90 -23.12 3.54
N ILE A 211 12.31 -23.07 2.29
CA ILE A 211 11.49 -23.53 1.16
C ILE A 211 12.19 -24.72 0.51
N THR A 212 11.48 -25.88 0.45
CA THR A 212 12.00 -27.10 -0.13
C THR A 212 11.21 -27.52 -1.37
N LEU A 213 11.92 -27.95 -2.41
CA LEU A 213 11.34 -28.45 -3.62
C LEU A 213 11.78 -29.91 -3.77
N ARG A 214 10.82 -30.82 -3.95
CA ARG A 214 11.09 -32.25 -4.13
C ARG A 214 10.32 -32.77 -5.37
N ASP A 215 11.03 -33.47 -6.27
CA ASP A 215 10.41 -34.09 -7.46
C ASP A 215 10.29 -35.59 -7.14
N GLU A 216 9.06 -36.09 -7.06
CA GLU A 216 8.84 -37.50 -6.78
C GLU A 216 8.11 -38.17 -7.95
N ARG A 217 8.17 -37.63 -9.18
CA ARG A 217 7.43 -38.25 -10.30
C ARG A 217 7.92 -39.64 -10.65
N ASP A 218 9.22 -39.87 -10.54
CA ASP A 218 9.80 -41.17 -10.78
C ASP A 218 10.52 -41.61 -9.51
N GLU A 219 9.83 -42.47 -8.74
CA GLU A 219 10.25 -43.11 -7.49
C GLU A 219 11.69 -43.67 -7.53
N GLU A 220 12.27 -43.85 -8.73
CA GLU A 220 13.62 -44.35 -8.99
C GLU A 220 14.70 -43.26 -8.91
N ASN A 221 14.32 -42.00 -9.14
CA ASN A 221 15.17 -40.81 -9.03
C ASN A 221 14.38 -39.67 -8.38
N VAL A 222 14.59 -39.48 -7.07
CA VAL A 222 13.92 -38.42 -6.29
C VAL A 222 14.94 -37.30 -6.05
N ARG A 223 14.77 -36.16 -6.72
CA ARG A 223 15.64 -34.98 -6.62
C ARG A 223 14.97 -34.02 -5.63
N GLU A 224 15.79 -33.32 -4.84
CA GLU A 224 15.30 -32.36 -3.84
C GLU A 224 16.24 -31.17 -3.73
N ASP A 225 15.69 -29.95 -3.54
CA ASP A 225 16.41 -28.68 -3.37
C ASP A 225 15.90 -27.89 -2.17
N SER A 226 16.77 -27.74 -1.16
CA SER A 226 16.41 -27.01 0.05
C SER A 226 17.03 -25.65 0.10
N TYR A 227 16.20 -24.59 0.20
CA TYR A 227 16.68 -23.22 0.30
C TYR A 227 16.35 -22.60 1.66
N HIS A 228 17.26 -21.83 2.21
CA HIS A 228 17.09 -21.15 3.49
C HIS A 228 18.14 -20.04 3.61
N TYR A 229 17.72 -18.79 3.42
CA TYR A 229 18.72 -17.72 3.49
C TYR A 229 18.62 -16.88 4.72
N GLU A 230 19.72 -16.80 5.47
CA GLU A 230 19.81 -15.95 6.66
C GLU A 230 20.12 -14.55 6.08
N GLY A 231 20.85 -14.55 4.95
CA GLY A 231 21.31 -13.42 4.16
C GLY A 231 21.96 -13.86 2.85
N GLU B 26 43.04 -3.34 4.90
CA GLU B 26 44.28 -3.67 5.62
C GLU B 26 45.28 -2.52 5.45
N ALA B 27 45.75 -2.31 4.20
CA ALA B 27 46.67 -1.24 3.83
C ALA B 27 45.88 0.08 3.74
N ALA B 28 44.66 0.00 3.16
CA ALA B 28 43.73 1.11 2.97
C ALA B 28 43.05 1.52 4.28
N ARG B 29 42.80 0.54 5.17
CA ARG B 29 42.15 0.76 6.47
C ARG B 29 43.07 1.45 7.48
N LYS B 30 44.40 1.17 7.44
CA LYS B 30 45.41 1.75 8.34
C LYS B 30 45.64 3.24 8.05
N ARG B 31 45.94 3.57 6.78
CA ARG B 31 46.17 4.93 6.30
C ARG B 31 45.14 5.21 5.18
N PRO B 32 43.87 5.53 5.54
CA PRO B 32 42.84 5.77 4.51
C PRO B 32 43.05 7.02 3.66
N GLY B 33 43.65 8.06 4.25
CA GLY B 33 43.94 9.34 3.60
C GLY B 33 44.80 9.26 2.35
N MET B 34 45.71 8.28 2.30
CA MET B 34 46.63 8.06 1.17
C MET B 34 45.94 7.48 -0.08
N TYR B 35 44.70 6.96 0.07
CA TYR B 35 43.94 6.35 -1.03
C TYR B 35 42.78 7.24 -1.56
N ILE B 36 41.89 7.71 -0.65
CA ILE B 36 40.73 8.55 -1.00
C ILE B 36 41.03 10.05 -0.90
N GLY B 37 41.87 10.43 0.05
CA GLY B 37 42.25 11.82 0.28
C GLY B 37 42.07 12.21 1.73
N SER B 38 40.81 12.29 2.17
CA SER B 38 40.44 12.66 3.53
C SER B 38 39.37 11.73 4.11
N THR B 39 39.33 11.61 5.43
CA THR B 39 38.36 10.77 6.13
C THR B 39 37.17 11.67 6.59
N SER B 40 37.12 12.91 6.04
CA SER B 40 36.12 13.93 6.28
C SER B 40 34.95 13.78 5.27
N GLU B 41 34.00 14.74 5.25
CA GLU B 41 32.87 14.72 4.33
C GLU B 41 33.37 14.60 2.86
N ARG B 42 34.45 15.34 2.49
CA ARG B 42 35.05 15.33 1.16
C ARG B 42 35.40 13.90 0.73
N GLY B 43 36.12 13.17 1.60
CA GLY B 43 36.51 11.79 1.37
C GLY B 43 35.31 10.84 1.40
N LEU B 44 34.23 11.23 2.13
CA LEU B 44 33.02 10.44 2.22
C LEU B 44 32.28 10.42 0.85
N HIS B 45 32.14 11.60 0.21
CA HIS B 45 31.48 11.69 -1.08
C HIS B 45 32.33 11.00 -2.17
N HIS B 46 33.68 10.93 -1.98
CA HIS B 46 34.62 10.24 -2.89
C HIS B 46 34.32 8.80 -3.08
N LEU B 47 33.65 8.16 -2.11
CA LEU B 47 33.29 6.73 -2.21
C LEU B 47 32.26 6.59 -3.31
N VAL B 48 31.29 7.53 -3.37
CA VAL B 48 30.24 7.56 -4.39
C VAL B 48 30.84 7.73 -5.78
N TRP B 49 31.70 8.78 -6.02
CA TRP B 49 32.33 9.04 -7.34
C TRP B 49 33.10 7.86 -7.89
N GLU B 50 33.82 7.12 -7.03
CA GLU B 50 34.60 5.95 -7.43
C GLU B 50 33.64 4.93 -8.06
N ILE B 51 32.59 4.50 -7.32
CA ILE B 51 31.58 3.56 -7.81
C ILE B 51 30.84 4.12 -9.05
N VAL B 52 30.44 5.41 -9.02
CA VAL B 52 29.75 6.03 -10.18
C VAL B 52 30.70 6.04 -11.43
N ASP B 53 32.04 6.16 -11.22
CA ASP B 53 32.99 6.13 -12.33
C ASP B 53 33.05 4.79 -13.04
N ASN B 54 32.82 3.71 -12.31
CA ASN B 54 32.83 2.33 -12.82
C ASN B 54 31.68 2.14 -13.80
N SER B 55 30.51 2.72 -13.49
CA SER B 55 29.28 2.68 -14.28
C SER B 55 29.46 3.51 -15.50
N ILE B 56 30.03 4.74 -15.35
CA ILE B 56 30.33 5.68 -16.45
C ILE B 56 31.26 5.01 -17.45
N ASP B 57 32.35 4.36 -16.98
CA ASP B 57 33.32 3.63 -17.79
C ASP B 57 32.62 2.61 -18.71
N GLU B 58 31.53 2.03 -18.21
CA GLU B 58 30.69 1.06 -18.91
C GLU B 58 29.78 1.74 -19.99
N ALA B 59 29.38 2.99 -19.75
CA ALA B 59 28.56 3.77 -20.69
C ALA B 59 29.41 4.33 -21.83
N LEU B 60 30.66 4.65 -21.55
CA LEU B 60 31.56 5.17 -22.52
C LEU B 60 32.11 4.11 -23.43
N ALA B 61 32.05 2.88 -23.00
CA ALA B 61 32.45 1.72 -23.79
C ALA B 61 31.33 1.30 -24.79
N GLY B 62 30.14 1.93 -24.63
CA GLY B 62 28.95 1.71 -25.46
C GLY B 62 28.06 0.58 -24.99
N TYR B 63 28.23 0.13 -23.71
CA TYR B 63 27.51 -1.01 -23.11
C TYR B 63 26.52 -0.69 -21.98
N ALA B 64 26.27 0.61 -21.66
CA ALA B 64 25.32 1.06 -20.63
C ALA B 64 24.82 2.47 -20.96
N ASN B 65 23.60 2.82 -20.56
CA ASN B 65 23.04 4.13 -20.85
C ASN B 65 22.25 4.77 -19.66
N GLN B 66 22.05 4.00 -18.58
CA GLN B 66 21.31 4.41 -17.39
C GLN B 66 22.13 4.11 -16.16
N ILE B 67 22.19 5.08 -15.21
CA ILE B 67 22.88 4.97 -13.93
C ILE B 67 21.97 5.56 -12.86
N GLU B 68 21.68 4.80 -11.83
CA GLU B 68 20.87 5.30 -10.72
C GLU B 68 21.70 5.32 -9.45
N VAL B 69 21.66 6.44 -8.69
CA VAL B 69 22.36 6.66 -7.40
C VAL B 69 21.27 6.89 -6.35
N VAL B 70 21.23 6.01 -5.35
CA VAL B 70 20.23 6.11 -4.27
C VAL B 70 20.89 6.28 -2.91
N ILE B 71 20.51 7.34 -2.17
CA ILE B 71 20.94 7.59 -0.79
C ILE B 71 19.83 6.88 -0.02
N GLU B 72 20.14 5.73 0.52
CA GLU B 72 19.19 4.88 1.24
C GLU B 72 19.14 5.18 2.73
N LYS B 73 18.17 4.57 3.41
CA LYS B 73 17.98 4.68 4.84
C LYS B 73 19.26 4.13 5.52
N ASP B 74 19.75 4.87 6.56
CA ASP B 74 20.96 4.64 7.37
C ASP B 74 22.18 5.10 6.61
N ASN B 75 21.97 5.89 5.52
CA ASN B 75 23.01 6.45 4.66
C ASN B 75 23.85 5.38 3.94
N TRP B 76 23.15 4.41 3.35
CA TRP B 76 23.73 3.37 2.49
C TRP B 76 23.66 4.01 1.12
N ILE B 77 24.65 3.73 0.27
CA ILE B 77 24.62 4.24 -1.10
C ILE B 77 24.38 3.07 -2.04
N LYS B 78 23.42 3.18 -2.96
CA LYS B 78 23.20 2.14 -3.94
C LYS B 78 23.38 2.72 -5.32
N VAL B 79 24.31 2.14 -6.10
CA VAL B 79 24.54 2.55 -7.49
C VAL B 79 24.15 1.38 -8.38
N THR B 80 23.28 1.64 -9.33
CA THR B 80 22.82 0.67 -10.34
C THR B 80 23.18 1.19 -11.71
N ASP B 81 23.49 0.26 -12.63
CA ASP B 81 23.78 0.51 -14.04
C ASP B 81 23.21 -0.63 -14.87
N ASN B 82 22.90 -0.41 -16.13
CA ASN B 82 22.42 -1.45 -17.05
C ASN B 82 23.57 -1.91 -17.97
N GLY B 83 24.76 -1.99 -17.41
CA GLY B 83 25.95 -2.38 -18.14
C GLY B 83 25.94 -3.86 -18.37
N ARG B 84 27.10 -4.44 -18.68
CA ARG B 84 27.15 -5.88 -18.97
C ARG B 84 27.09 -6.76 -17.73
N GLY B 85 27.37 -6.15 -16.57
CA GLY B 85 27.48 -6.79 -15.27
C GLY B 85 28.95 -7.21 -15.09
N ILE B 86 29.53 -6.99 -13.90
CA ILE B 86 30.92 -7.38 -13.63
C ILE B 86 31.06 -8.90 -13.91
N PRO B 87 32.07 -9.30 -14.74
CA PRO B 87 32.23 -10.72 -15.07
C PRO B 87 32.33 -11.65 -13.86
N VAL B 88 31.69 -12.83 -13.95
CA VAL B 88 31.59 -13.81 -12.86
C VAL B 88 32.45 -15.10 -13.08
N ASP B 89 33.03 -15.28 -14.29
CA ASP B 89 33.85 -16.43 -14.67
C ASP B 89 35.09 -16.59 -13.79
N ILE B 90 35.58 -17.82 -13.64
CA ILE B 90 36.76 -18.07 -12.79
C ILE B 90 38.02 -17.57 -13.49
N GLN B 91 38.76 -16.68 -12.82
CA GLN B 91 40.04 -16.17 -13.35
C GLN B 91 41.07 -17.23 -12.98
N GLU B 92 41.33 -18.13 -13.95
CA GLU B 92 42.21 -19.30 -13.95
C GLU B 92 43.56 -19.15 -13.18
N LYS B 93 44.07 -17.91 -13.00
CA LYS B 93 45.31 -17.67 -12.23
C LYS B 93 45.05 -17.68 -10.72
N MET B 94 44.00 -16.95 -10.25
CA MET B 94 43.63 -16.86 -8.83
C MET B 94 42.58 -17.90 -8.38
N GLY B 95 41.90 -18.53 -9.33
CA GLY B 95 40.87 -19.54 -9.08
C GLY B 95 39.57 -19.03 -8.45
N ARG B 96 39.33 -17.70 -8.47
CA ARG B 96 38.13 -17.06 -7.88
C ARG B 96 37.30 -16.31 -8.96
N PRO B 97 35.96 -16.07 -8.80
CA PRO B 97 35.22 -15.28 -9.82
C PRO B 97 35.82 -13.88 -9.99
N ALA B 98 35.81 -13.35 -11.21
CA ALA B 98 36.38 -12.04 -11.57
C ALA B 98 35.93 -10.90 -10.64
N VAL B 99 34.60 -10.84 -10.34
CA VAL B 99 33.99 -9.84 -9.45
C VAL B 99 34.69 -9.84 -8.07
N GLU B 100 35.00 -11.03 -7.51
CA GLU B 100 35.70 -11.15 -6.23
C GLU B 100 37.06 -10.51 -6.29
N VAL B 101 37.80 -10.75 -7.38
CA VAL B 101 39.16 -10.22 -7.58
C VAL B 101 39.15 -8.68 -7.63
N ILE B 102 38.34 -8.13 -8.56
CA ILE B 102 38.12 -6.69 -8.79
C ILE B 102 37.76 -5.97 -7.47
N LEU B 103 36.90 -6.57 -6.62
CA LEU B 103 36.44 -5.95 -5.38
C LEU B 103 37.37 -6.14 -4.14
N THR B 104 38.39 -7.02 -4.25
CA THR B 104 39.30 -7.30 -3.12
C THR B 104 40.79 -7.13 -3.47
N VAL B 105 41.11 -6.23 -4.42
CA VAL B 105 42.49 -5.89 -4.85
C VAL B 105 43.26 -5.29 -3.66
N VAL B 126 40.98 -0.83 -9.69
CA VAL B 126 41.60 -0.74 -8.36
C VAL B 126 40.76 0.13 -7.37
N GLY B 127 39.93 1.04 -7.91
CA GLY B 127 39.08 1.96 -7.15
C GLY B 127 37.98 1.35 -6.30
N SER B 128 37.22 0.39 -6.85
CA SER B 128 36.10 -0.26 -6.16
C SER B 128 36.51 -1.15 -4.95
N SER B 129 37.77 -1.62 -4.88
CA SER B 129 38.27 -2.42 -3.75
C SER B 129 38.59 -1.51 -2.55
N VAL B 130 38.97 -0.25 -2.85
CA VAL B 130 39.30 0.79 -1.87
C VAL B 130 37.98 1.17 -1.22
N VAL B 131 36.93 1.40 -2.05
CA VAL B 131 35.59 1.72 -1.55
C VAL B 131 35.15 0.55 -0.65
N ASN B 132 35.41 -0.71 -1.09
CA ASN B 132 35.09 -1.93 -0.35
C ASN B 132 35.81 -2.00 1.01
N ALA B 133 37.12 -1.63 1.05
CA ALA B 133 37.98 -1.62 2.24
C ALA B 133 37.50 -0.59 3.27
N LEU B 134 37.13 0.66 2.81
CA LEU B 134 36.65 1.78 3.62
C LEU B 134 35.14 1.70 3.97
N SER B 135 34.49 0.57 3.65
CA SER B 135 33.07 0.33 3.95
C SER B 135 32.95 -0.79 4.99
N GLN B 136 32.05 -0.65 5.96
CA GLN B 136 31.81 -1.67 7.00
C GLN B 136 31.00 -2.82 6.41
N ASP B 137 30.14 -2.48 5.48
CA ASP B 137 29.30 -3.41 4.75
C ASP B 137 29.22 -2.98 3.30
N LEU B 138 29.44 -3.93 2.37
CA LEU B 138 29.35 -3.78 0.92
C LEU B 138 28.73 -5.05 0.28
N GLU B 139 27.65 -4.81 -0.47
CA GLU B 139 26.88 -5.82 -1.18
C GLU B 139 26.96 -5.56 -2.69
N VAL B 140 27.10 -6.65 -3.47
CA VAL B 140 27.17 -6.58 -4.92
C VAL B 140 26.20 -7.57 -5.56
N TYR B 141 25.44 -7.12 -6.54
CA TYR B 141 24.50 -7.94 -7.31
C TYR B 141 24.85 -7.78 -8.76
N VAL B 142 25.14 -8.88 -9.42
CA VAL B 142 25.48 -8.89 -10.83
C VAL B 142 24.31 -9.50 -11.58
N HIS B 143 23.83 -8.83 -12.62
CA HIS B 143 22.76 -9.33 -13.47
C HIS B 143 23.52 -9.67 -14.78
N ARG B 144 23.75 -10.95 -15.05
CA ARG B 144 24.54 -11.38 -16.22
C ARG B 144 24.30 -12.86 -16.45
N ASN B 145 24.35 -13.31 -17.74
CA ASN B 145 24.14 -14.71 -18.17
C ASN B 145 22.77 -15.22 -17.69
N GLU B 146 21.76 -14.32 -17.69
CA GLU B 146 20.37 -14.54 -17.27
C GLU B 146 20.25 -14.95 -15.76
N THR B 147 21.34 -14.79 -15.01
CA THR B 147 21.41 -15.09 -13.58
C THR B 147 21.68 -13.78 -12.78
N ILE B 148 21.35 -13.80 -11.47
CA ILE B 148 21.62 -12.73 -10.54
C ILE B 148 22.70 -13.34 -9.60
N TYR B 149 23.91 -12.78 -9.61
CA TYR B 149 25.00 -13.28 -8.75
C TYR B 149 25.11 -12.33 -7.58
N HIS B 150 25.63 -12.77 -6.43
CA HIS B 150 25.69 -11.97 -5.20
C HIS B 150 26.81 -12.37 -4.26
N GLN B 151 27.41 -11.34 -3.65
CA GLN B 151 28.48 -11.47 -2.68
C GLN B 151 28.47 -10.28 -1.74
N ALA B 152 28.58 -10.55 -0.45
CA ALA B 152 28.64 -9.50 0.57
C ALA B 152 30.02 -9.51 1.20
N TYR B 153 30.48 -8.32 1.60
CA TYR B 153 31.77 -8.01 2.22
C TYR B 153 31.57 -7.23 3.53
N LYS B 154 32.62 -7.18 4.33
CA LYS B 154 32.69 -6.49 5.61
C LYS B 154 34.14 -6.10 5.70
N LYS B 155 34.41 -4.76 5.67
CA LYS B 155 35.76 -4.19 5.70
C LYS B 155 36.61 -4.75 4.57
N GLY B 156 35.96 -4.97 3.42
CA GLY B 156 36.59 -5.50 2.20
C GLY B 156 36.85 -6.99 2.25
N VAL B 157 36.30 -7.69 3.26
CA VAL B 157 36.51 -9.13 3.45
C VAL B 157 35.27 -9.93 3.04
N PRO B 158 35.36 -10.87 2.06
CA PRO B 158 34.16 -11.65 1.67
C PRO B 158 33.56 -12.45 2.84
N GLN B 159 32.24 -12.50 2.92
CA GLN B 159 31.52 -13.19 3.98
C GLN B 159 31.08 -14.61 3.59
N PHE B 160 31.13 -14.87 2.29
CA PHE B 160 30.77 -16.10 1.64
C PHE B 160 31.21 -16.01 0.20
N ASP B 161 31.24 -17.14 -0.48
CA ASP B 161 31.60 -17.24 -1.88
C ASP B 161 30.43 -16.83 -2.72
N LEU B 162 30.72 -16.12 -3.84
CA LEU B 162 29.73 -15.64 -4.80
C LEU B 162 28.68 -16.73 -5.07
N LYS B 163 27.42 -16.35 -4.98
CA LYS B 163 26.33 -17.30 -5.16
C LYS B 163 25.26 -16.77 -6.08
N GLU B 164 24.54 -17.70 -6.75
CA GLU B 164 23.43 -17.45 -7.67
C GLU B 164 22.21 -17.32 -6.79
N VAL B 165 21.49 -16.22 -6.91
CA VAL B 165 20.35 -15.95 -6.04
C VAL B 165 19.04 -15.67 -6.77
N GLY B 166 19.09 -15.64 -8.09
CA GLY B 166 17.89 -15.39 -8.89
C GLY B 166 18.11 -15.55 -10.38
N THR B 167 17.07 -15.20 -11.16
CA THR B 167 17.13 -15.22 -12.62
C THR B 167 16.74 -13.87 -13.13
N THR B 168 17.25 -13.52 -14.29
CA THR B 168 17.01 -12.23 -14.89
C THR B 168 17.01 -12.29 -16.41
N ASP B 169 16.43 -11.24 -17.02
CA ASP B 169 16.36 -11.00 -18.47
C ASP B 169 17.12 -9.68 -18.73
N LYS B 170 17.84 -9.21 -17.71
CA LYS B 170 18.57 -7.94 -17.73
C LYS B 170 20.04 -8.11 -17.43
N THR B 171 20.83 -7.12 -17.84
CA THR B 171 22.25 -7.06 -17.55
C THR B 171 22.44 -5.81 -16.65
N GLY B 172 23.59 -5.74 -16.00
CA GLY B 172 23.93 -4.64 -15.10
C GLY B 172 24.51 -5.05 -13.76
N THR B 173 25.06 -4.07 -13.06
CA THR B 173 25.67 -4.21 -11.74
C THR B 173 24.93 -3.35 -10.75
N VAL B 174 24.85 -3.82 -9.49
CA VAL B 174 24.28 -3.10 -8.38
C VAL B 174 25.29 -3.20 -7.27
N ILE B 175 25.82 -2.04 -6.80
CA ILE B 175 26.78 -1.91 -5.67
C ILE B 175 26.13 -1.12 -4.52
N ARG B 176 25.90 -1.79 -3.37
CA ARG B 176 25.30 -1.21 -2.15
C ARG B 176 26.38 -1.16 -1.12
N PHE B 177 26.61 0.01 -0.46
CA PHE B 177 27.63 0.11 0.58
C PHE B 177 27.32 1.11 1.71
N LYS B 178 27.86 0.80 2.89
CA LYS B 178 27.77 1.58 4.12
C LYS B 178 29.20 1.92 4.54
N ALA B 179 29.55 3.22 4.48
CA ALA B 179 30.83 3.74 4.87
C ALA B 179 31.18 3.29 6.32
N ASP B 180 32.45 2.97 6.56
CA ASP B 180 32.89 2.54 7.87
C ASP B 180 32.96 3.73 8.83
N GLY B 181 32.26 3.60 9.97
CA GLY B 181 32.22 4.60 11.03
C GLY B 181 33.61 4.77 11.67
N GLU B 182 34.33 3.63 11.84
CA GLU B 182 35.71 3.57 12.39
C GLU B 182 36.72 4.33 11.52
N ILE B 183 36.42 4.52 10.22
CA ILE B 183 37.27 5.24 9.27
C ILE B 183 36.74 6.66 9.15
N PHE B 184 35.47 6.82 8.70
CA PHE B 184 34.83 8.11 8.53
C PHE B 184 34.28 8.60 9.86
N THR B 185 35.20 8.92 10.77
CA THR B 185 34.94 9.38 12.15
C THR B 185 34.28 10.77 12.28
N GLU B 186 34.43 11.69 11.29
CA GLU B 186 33.83 13.03 11.33
C GLU B 186 32.32 12.89 11.03
N THR B 187 31.91 12.78 9.75
CA THR B 187 30.49 12.59 9.43
C THR B 187 30.31 11.34 8.61
N THR B 188 29.10 10.79 8.59
CA THR B 188 28.79 9.56 7.83
C THR B 188 27.51 9.79 6.96
N VAL B 189 26.98 11.02 7.01
CA VAL B 189 25.80 11.54 6.35
C VAL B 189 26.23 12.26 5.05
N TYR B 190 25.57 11.90 3.93
CA TYR B 190 25.88 12.46 2.63
C TYR B 190 25.08 13.73 2.50
N ASN B 191 25.69 14.70 1.81
CA ASN B 191 25.09 15.98 1.49
C ASN B 191 24.54 15.78 0.08
N TYR B 192 23.21 15.79 -0.05
CA TYR B 192 22.51 15.60 -1.34
C TYR B 192 23.02 16.54 -2.42
N GLU B 193 23.10 17.85 -2.12
CA GLU B 193 23.58 18.89 -3.02
C GLU B 193 24.98 18.60 -3.57
N THR B 194 25.91 18.10 -2.71
CA THR B 194 27.28 17.75 -3.12
C THR B 194 27.21 16.61 -4.16
N LEU B 195 26.28 15.63 -3.96
CA LEU B 195 26.10 14.51 -4.88
C LEU B 195 25.44 14.97 -6.18
N GLN B 196 24.43 15.82 -6.08
CA GLN B 196 23.68 16.37 -7.20
C GLN B 196 24.56 17.26 -8.11
N GLN B 197 25.37 18.16 -7.50
CA GLN B 197 26.28 19.07 -8.21
C GLN B 197 27.31 18.30 -9.01
N ARG B 198 27.76 17.13 -8.51
CA ARG B 198 28.76 16.34 -9.22
C ARG B 198 28.10 15.41 -10.23
N ILE B 199 26.87 14.92 -9.95
CA ILE B 199 26.16 14.03 -10.89
C ILE B 199 25.74 14.84 -12.12
N ARG B 200 25.40 16.14 -11.93
CA ARG B 200 25.03 17.04 -13.04
C ARG B 200 26.23 17.25 -13.96
N GLU B 201 27.43 17.53 -13.38
CA GLU B 201 28.68 17.73 -14.14
C GLU B 201 28.95 16.50 -14.98
N LEU B 202 28.90 15.35 -14.37
CA LEU B 202 29.16 14.10 -15.02
C LEU B 202 28.26 13.73 -16.16
N ALA B 203 26.97 13.96 -16.03
CA ALA B 203 26.04 13.81 -17.12
C ALA B 203 26.25 14.81 -18.27
N PHE B 204 26.54 16.05 -17.95
CA PHE B 204 26.85 17.02 -18.96
C PHE B 204 28.11 16.72 -19.71
N LEU B 205 29.14 16.23 -19.03
CA LEU B 205 30.35 15.77 -19.69
C LEU B 205 30.18 14.58 -20.59
N ASN B 206 29.41 13.59 -20.16
CA ASN B 206 29.20 12.41 -20.93
C ASN B 206 27.80 12.40 -21.47
N LYS B 207 27.62 12.86 -22.70
CA LYS B 207 26.31 13.00 -23.26
C LYS B 207 25.72 11.68 -23.57
N GLY B 208 24.42 11.62 -23.53
CA GLY B 208 23.69 10.38 -23.78
C GLY B 208 23.42 9.48 -22.60
N ILE B 209 24.07 9.74 -21.44
CA ILE B 209 23.83 8.91 -20.24
C ILE B 209 22.76 9.51 -19.37
N GLN B 210 21.76 8.68 -19.00
CA GLN B 210 20.73 9.14 -18.09
C GLN B 210 21.23 8.77 -16.70
N ILE B 211 21.43 9.78 -15.84
CA ILE B 211 21.90 9.57 -14.47
C ILE B 211 20.87 10.18 -13.54
N THR B 212 20.36 9.33 -12.63
CA THR B 212 19.37 9.72 -11.65
C THR B 212 19.93 9.65 -10.27
N LEU B 213 19.63 10.66 -9.43
CA LEU B 213 20.01 10.74 -8.00
C LEU B 213 18.67 10.83 -7.27
N ARG B 214 18.46 9.92 -6.29
CA ARG B 214 17.25 9.82 -5.48
C ARG B 214 17.63 9.81 -3.98
N ASP B 215 16.93 10.60 -3.13
CA ASP B 215 17.17 10.60 -1.68
C ASP B 215 15.95 9.93 -1.03
N GLU B 216 16.14 8.73 -0.51
CA GLU B 216 15.08 7.96 0.15
C GLU B 216 15.25 7.90 1.67
N ARG B 217 16.17 8.71 2.27
CA ARG B 217 16.43 8.67 3.71
C ARG B 217 15.18 8.89 4.54
N ASP B 218 14.32 9.83 4.13
CA ASP B 218 13.06 10.02 4.83
C ASP B 218 11.92 9.76 3.86
N GLU B 219 11.25 8.61 4.00
CA GLU B 219 10.10 8.14 3.21
C GLU B 219 8.96 9.19 3.02
N GLU B 220 8.83 10.14 3.96
CA GLU B 220 7.83 11.20 3.92
C GLU B 220 8.17 12.30 2.92
N ASN B 221 9.46 12.43 2.57
CA ASN B 221 9.96 13.43 1.63
C ASN B 221 11.11 12.80 0.84
N VAL B 222 10.81 12.31 -0.37
CA VAL B 222 11.71 11.63 -1.29
C VAL B 222 12.03 12.60 -2.40
N ARG B 223 13.29 13.02 -2.47
CA ARG B 223 13.77 13.97 -3.46
C ARG B 223 14.37 13.18 -4.65
N GLU B 224 14.36 13.76 -5.87
CA GLU B 224 14.91 13.09 -7.06
C GLU B 224 15.30 14.05 -8.16
N ASP B 225 16.50 13.90 -8.70
CA ASP B 225 17.01 14.70 -9.80
C ASP B 225 17.51 13.82 -10.94
N SER B 226 16.90 13.92 -12.12
CA SER B 226 17.32 13.14 -13.28
C SER B 226 17.96 14.00 -14.37
N TYR B 227 19.19 13.64 -14.73
CA TYR B 227 19.97 14.34 -15.74
C TYR B 227 20.19 13.50 -16.97
N HIS B 228 20.02 14.09 -18.16
CA HIS B 228 20.23 13.46 -19.46
C HIS B 228 20.44 14.50 -20.52
N TYR B 229 21.70 14.73 -20.90
CA TYR B 229 22.07 15.73 -21.92
C TYR B 229 22.35 15.10 -23.30
N GLU B 230 21.74 15.64 -24.34
CA GLU B 230 21.92 15.19 -25.75
C GLU B 230 23.29 15.69 -26.26
N GLY B 231 23.54 16.97 -25.97
CA GLY B 231 24.73 17.73 -26.32
C GLY B 231 24.80 19.01 -25.49
N LEU C 25 -17.67 35.73 -17.29
CA LEU C 25 -16.24 35.44 -17.21
C LEU C 25 -15.34 36.64 -17.58
N GLU C 26 -15.83 37.55 -18.47
CA GLU C 26 -15.09 38.76 -18.86
C GLU C 26 -14.81 39.67 -17.64
N ALA C 27 -15.57 39.46 -16.54
CA ALA C 27 -15.46 40.19 -15.26
C ALA C 27 -14.14 39.88 -14.57
N ALA C 28 -13.79 38.57 -14.48
CA ALA C 28 -12.55 38.11 -13.88
C ALA C 28 -11.36 38.64 -14.69
N ARG C 29 -11.49 38.72 -16.03
CA ARG C 29 -10.44 39.27 -16.91
C ARG C 29 -10.32 40.79 -16.75
N LYS C 30 -11.48 41.51 -16.68
CA LYS C 30 -11.49 42.98 -16.56
C LYS C 30 -11.02 43.47 -15.22
N ARG C 31 -11.34 42.73 -14.12
CA ARG C 31 -10.93 43.07 -12.76
C ARG C 31 -10.37 41.84 -12.01
N PRO C 32 -9.12 41.39 -12.33
CA PRO C 32 -8.56 40.20 -11.64
C PRO C 32 -8.34 40.37 -10.15
N GLY C 33 -7.97 41.58 -9.72
CA GLY C 33 -7.71 41.90 -8.32
C GLY C 33 -8.80 41.48 -7.35
N MET C 34 -10.07 41.56 -7.76
CA MET C 34 -11.20 41.18 -6.92
C MET C 34 -11.44 39.66 -6.92
N TYR C 35 -10.82 38.93 -7.87
CA TYR C 35 -10.99 37.47 -8.00
C TYR C 35 -9.77 36.64 -7.62
N ILE C 36 -8.56 37.01 -8.11
CA ILE C 36 -7.33 36.27 -7.83
C ILE C 36 -6.45 36.99 -6.74
N GLY C 37 -6.69 38.27 -6.52
CA GLY C 37 -5.99 39.07 -5.51
C GLY C 37 -4.72 39.76 -5.98
N SER C 38 -4.21 39.42 -7.17
CA SER C 38 -2.96 39.98 -7.74
C SER C 38 -2.65 39.38 -9.10
N THR C 39 -1.97 40.15 -9.96
CA THR C 39 -1.52 39.72 -11.28
C THR C 39 0.02 39.66 -11.31
N SER C 40 0.66 39.82 -10.14
CA SER C 40 2.12 39.81 -9.99
C SER C 40 2.61 38.36 -9.92
N GLU C 41 3.85 38.12 -9.47
CA GLU C 41 4.39 36.76 -9.32
C GLU C 41 3.51 36.01 -8.33
N ARG C 42 3.02 36.71 -7.26
CA ARG C 42 2.13 36.16 -6.23
C ARG C 42 0.85 35.63 -6.89
N GLY C 43 0.02 36.50 -7.47
CA GLY C 43 -1.22 36.13 -8.16
C GLY C 43 -1.07 34.95 -9.09
N LEU C 44 0.02 34.95 -9.90
CA LEU C 44 0.40 33.87 -10.83
C LEU C 44 0.40 32.50 -10.10
N HIS C 45 0.98 32.45 -8.88
CA HIS C 45 1.04 31.21 -8.09
C HIS C 45 -0.33 30.79 -7.50
N HIS C 46 -1.24 31.76 -7.18
CA HIS C 46 -2.60 31.50 -6.65
C HIS C 46 -3.42 30.64 -7.63
N LEU C 47 -3.16 30.76 -8.95
CA LEU C 47 -3.83 29.97 -9.96
C LEU C 47 -3.61 28.48 -9.66
N VAL C 48 -2.35 28.11 -9.28
CA VAL C 48 -1.95 26.75 -8.91
C VAL C 48 -2.74 26.27 -7.69
N TRP C 49 -2.74 27.04 -6.57
CA TRP C 49 -3.48 26.67 -5.35
C TRP C 49 -4.98 26.52 -5.58
N GLU C 50 -5.53 27.28 -6.55
CA GLU C 50 -6.95 27.21 -6.91
C GLU C 50 -7.31 25.83 -7.46
N ILE C 51 -6.43 25.24 -8.27
CA ILE C 51 -6.70 23.92 -8.81
C ILE C 51 -6.27 22.84 -7.80
N VAL C 52 -5.15 23.05 -7.09
CA VAL C 52 -4.68 22.07 -6.12
C VAL C 52 -5.73 21.81 -4.99
N ASP C 53 -6.35 22.85 -4.43
CA ASP C 53 -7.32 22.57 -3.37
C ASP C 53 -8.61 21.89 -3.89
N ASN C 54 -8.93 22.01 -5.21
CA ASN C 54 -10.08 21.28 -5.79
C ASN C 54 -9.79 19.78 -5.64
N SER C 55 -8.56 19.36 -5.99
CA SER C 55 -8.06 17.99 -5.87
C SER C 55 -8.01 17.58 -4.38
N ILE C 56 -7.54 18.51 -3.50
CA ILE C 56 -7.46 18.30 -2.05
C ILE C 56 -8.87 18.05 -1.43
N ASP C 57 -9.92 18.81 -1.90
CA ASP C 57 -11.33 18.68 -1.48
C ASP C 57 -11.79 17.26 -1.79
N GLU C 58 -11.35 16.70 -2.92
CA GLU C 58 -11.66 15.32 -3.30
C GLU C 58 -10.89 14.32 -2.38
N ALA C 59 -9.73 14.75 -1.84
CA ALA C 59 -8.94 13.89 -0.97
C ALA C 59 -9.60 13.85 0.41
N LEU C 60 -10.08 15.02 0.89
CA LEU C 60 -10.79 15.16 2.16
C LEU C 60 -12.10 14.33 2.13
N ALA C 61 -12.80 14.31 0.97
CA ALA C 61 -14.02 13.53 0.76
C ALA C 61 -13.76 11.98 0.81
N GLY C 62 -12.47 11.60 0.78
CA GLY C 62 -11.99 10.23 0.85
C GLY C 62 -11.97 9.49 -0.48
N TYR C 63 -11.96 10.23 -1.61
CA TYR C 63 -11.94 9.57 -2.93
C TYR C 63 -10.57 9.63 -3.57
N ALA C 64 -9.87 10.77 -3.46
CA ALA C 64 -8.52 10.90 -4.01
C ALA C 64 -7.51 10.69 -2.87
N ASN C 65 -6.29 10.22 -3.20
CA ASN C 65 -5.21 9.99 -2.26
C ASN C 65 -3.84 10.37 -2.90
N GLN C 66 -3.86 10.70 -4.21
CA GLN C 66 -2.68 11.08 -4.97
C GLN C 66 -2.89 12.31 -5.84
N ILE C 67 -2.17 13.37 -5.54
CA ILE C 67 -2.23 14.60 -6.31
C ILE C 67 -0.84 14.77 -6.91
N GLU C 68 -0.79 15.26 -8.14
CA GLU C 68 0.45 15.51 -8.88
C GLU C 68 0.44 16.97 -9.44
N VAL C 69 1.55 17.69 -9.29
CA VAL C 69 1.65 19.06 -9.80
C VAL C 69 2.88 19.11 -10.66
N VAL C 70 2.70 19.34 -11.97
CA VAL C 70 3.81 19.39 -12.91
C VAL C 70 4.00 20.81 -13.55
N ILE C 71 5.26 21.33 -13.53
CA ILE C 71 5.60 22.59 -14.20
C ILE C 71 6.10 22.06 -15.52
N GLU C 72 5.38 22.35 -16.60
CA GLU C 72 5.71 21.85 -17.94
C GLU C 72 6.38 22.89 -18.80
N LYS C 73 6.97 22.44 -19.89
CA LYS C 73 7.65 23.30 -20.83
C LYS C 73 6.77 24.52 -21.13
N ASP C 74 7.41 25.70 -21.13
CA ASP C 74 6.84 27.03 -21.38
C ASP C 74 5.82 27.46 -20.30
N ASN C 75 6.10 27.08 -19.06
CA ASN C 75 5.38 27.39 -17.83
C ASN C 75 3.87 27.12 -17.84
N TRP C 76 3.53 25.93 -18.34
CA TRP C 76 2.19 25.38 -18.31
C TRP C 76 2.11 24.68 -16.96
N ILE C 77 0.94 24.60 -16.37
CA ILE C 77 0.77 23.90 -15.11
C ILE C 77 -0.20 22.76 -15.30
N LYS C 78 0.21 21.54 -14.94
CA LYS C 78 -0.63 20.37 -15.01
C LYS C 78 -0.85 19.89 -13.60
N VAL C 79 -2.13 19.80 -13.19
CA VAL C 79 -2.52 19.31 -11.88
C VAL C 79 -3.30 18.05 -12.20
N THR C 80 -3.06 16.97 -11.45
CA THR C 80 -3.68 15.65 -11.64
C THR C 80 -4.03 15.06 -10.28
N ASP C 81 -5.19 14.40 -10.20
CA ASP C 81 -5.69 13.73 -9.02
C ASP C 81 -6.29 12.40 -9.43
N ASN C 82 -6.53 11.51 -8.48
CA ASN C 82 -7.15 10.22 -8.77
C ASN C 82 -8.48 10.08 -8.02
N GLY C 83 -9.26 11.15 -8.03
CA GLY C 83 -10.58 11.22 -7.41
C GLY C 83 -11.63 10.54 -8.27
N ARG C 84 -12.88 11.00 -8.19
CA ARG C 84 -13.99 10.38 -8.95
C ARG C 84 -14.07 10.85 -10.38
N GLY C 85 -13.47 12.02 -10.65
CA GLY C 85 -13.49 12.68 -11.96
C GLY C 85 -14.64 13.68 -11.94
N ILE C 86 -14.49 14.84 -12.57
CA ILE C 86 -15.58 15.82 -12.57
C ILE C 86 -16.78 15.26 -13.40
N PRO C 87 -18.02 15.20 -12.82
CA PRO C 87 -19.18 14.68 -13.59
C PRO C 87 -19.37 15.31 -14.98
N VAL C 88 -19.78 14.48 -15.96
CA VAL C 88 -19.96 14.85 -17.38
C VAL C 88 -21.44 14.97 -17.87
N ASP C 89 -22.42 14.68 -17.01
CA ASP C 89 -23.87 14.74 -17.29
C ASP C 89 -24.38 16.17 -17.50
N ILE C 90 -25.33 16.33 -18.44
CA ILE C 90 -25.97 17.59 -18.81
C ILE C 90 -26.83 18.09 -17.64
N GLN C 91 -26.62 19.35 -17.23
CA GLN C 91 -27.37 19.99 -16.14
C GLN C 91 -28.57 20.63 -16.79
N GLU C 92 -29.78 20.18 -16.40
CA GLU C 92 -31.09 20.59 -16.91
C GLU C 92 -31.26 22.10 -17.27
N LYS C 93 -31.08 23.02 -16.30
CA LYS C 93 -31.23 24.46 -16.48
C LYS C 93 -30.19 25.13 -17.41
N MET C 94 -29.00 24.52 -17.59
CA MET C 94 -27.92 25.06 -18.41
C MET C 94 -27.82 24.40 -19.79
N GLY C 95 -28.11 23.10 -19.86
CA GLY C 95 -28.03 22.31 -21.08
C GLY C 95 -26.60 22.01 -21.51
N ARG C 96 -25.68 22.03 -20.53
CA ARG C 96 -24.25 21.80 -20.72
C ARG C 96 -23.75 20.73 -19.73
N PRO C 97 -22.64 19.99 -20.03
CA PRO C 97 -22.13 19.01 -19.06
C PRO C 97 -21.60 19.70 -17.81
N ALA C 98 -21.65 19.01 -16.63
CA ALA C 98 -21.17 19.57 -15.36
C ALA C 98 -19.74 20.17 -15.47
N VAL C 99 -18.78 19.47 -16.17
CA VAL C 99 -17.39 19.92 -16.40
C VAL C 99 -17.34 21.33 -16.99
N GLU C 100 -18.19 21.55 -18.03
CA GLU C 100 -18.31 22.83 -18.75
C GLU C 100 -18.81 23.95 -17.87
N VAL C 101 -19.91 23.72 -17.11
CA VAL C 101 -20.52 24.70 -16.20
C VAL C 101 -19.48 25.17 -15.15
N ILE C 102 -18.84 24.21 -14.46
CA ILE C 102 -17.79 24.38 -13.42
C ILE C 102 -16.61 25.24 -13.92
N LEU C 103 -16.21 25.05 -15.17
CA LEU C 103 -15.08 25.76 -15.75
C LEU C 103 -15.43 27.06 -16.48
N THR C 104 -16.74 27.31 -16.77
CA THR C 104 -17.13 28.51 -17.50
C THR C 104 -18.10 29.42 -16.75
N VAL C 105 -18.54 29.04 -15.55
CA VAL C 105 -19.47 29.90 -14.82
C VAL C 105 -18.81 30.46 -13.55
N GLY C 127 -13.66 28.69 -8.14
CA GLY C 127 -12.25 29.00 -8.35
C GLY C 127 -11.69 28.60 -9.69
N SER C 128 -11.92 27.35 -10.14
CA SER C 128 -11.38 26.85 -11.41
C SER C 128 -11.83 27.64 -12.63
N SER C 129 -13.03 28.28 -12.58
CA SER C 129 -13.52 29.08 -13.71
C SER C 129 -12.74 30.43 -13.80
N VAL C 130 -12.31 30.96 -12.64
CA VAL C 130 -11.51 32.18 -12.55
C VAL C 130 -10.17 31.87 -13.23
N VAL C 131 -9.59 30.71 -12.86
CA VAL C 131 -8.33 30.24 -13.43
C VAL C 131 -8.52 30.11 -14.94
N ASN C 132 -9.64 29.54 -15.38
CA ASN C 132 -9.95 29.37 -16.79
C ASN C 132 -9.98 30.72 -17.55
N ALA C 133 -10.68 31.73 -16.99
CA ALA C 133 -10.80 33.06 -17.57
C ALA C 133 -9.44 33.76 -17.63
N LEU C 134 -8.55 33.48 -16.65
CA LEU C 134 -7.20 34.09 -16.52
C LEU C 134 -6.08 33.27 -17.17
N SER C 135 -6.45 32.30 -18.01
CA SER C 135 -5.51 31.43 -18.75
C SER C 135 -5.68 31.64 -20.27
N GLN C 136 -4.57 31.76 -21.03
CA GLN C 136 -4.65 31.92 -22.49
C GLN C 136 -5.10 30.59 -23.10
N ASP C 137 -4.73 29.47 -22.42
CA ASP C 137 -5.08 28.10 -22.79
C ASP C 137 -5.30 27.27 -21.52
N LEU C 138 -6.31 26.39 -21.54
CA LEU C 138 -6.64 25.46 -20.48
C LEU C 138 -7.24 24.22 -21.12
N GLU C 139 -6.95 23.05 -20.57
CA GLU C 139 -7.43 21.75 -21.02
C GLU C 139 -7.83 20.94 -19.80
N VAL C 140 -8.85 20.12 -19.95
CA VAL C 140 -9.35 19.21 -18.91
C VAL C 140 -9.47 17.82 -19.53
N TYR C 141 -9.11 16.80 -18.77
CA TYR C 141 -9.22 15.40 -19.12
C TYR C 141 -9.89 14.79 -17.91
N VAL C 142 -10.96 14.04 -18.12
CA VAL C 142 -11.69 13.42 -17.02
C VAL C 142 -11.68 11.93 -17.27
N HIS C 143 -11.24 11.15 -16.30
CA HIS C 143 -11.24 9.69 -16.40
C HIS C 143 -12.45 9.32 -15.51
N ARG C 144 -13.58 8.99 -16.14
CA ARG C 144 -14.86 8.69 -15.47
C ARG C 144 -15.71 7.79 -16.38
N ASN C 145 -16.56 6.93 -15.76
CA ASN C 145 -17.47 5.99 -16.44
C ASN C 145 -16.71 5.11 -17.43
N GLU C 146 -15.45 4.76 -17.06
CA GLU C 146 -14.52 3.93 -17.83
C GLU C 146 -14.15 4.60 -19.18
N THR C 147 -14.20 5.94 -19.22
CA THR C 147 -13.94 6.72 -20.43
C THR C 147 -13.08 7.93 -20.11
N ILE C 148 -12.41 8.51 -21.14
CA ILE C 148 -11.66 9.75 -21.02
C ILE C 148 -12.47 10.85 -21.76
N TYR C 149 -12.80 11.97 -21.08
CA TYR C 149 -13.52 13.11 -21.67
C TYR C 149 -12.57 14.29 -21.68
N HIS C 150 -12.52 15.04 -22.76
CA HIS C 150 -11.63 16.19 -22.88
C HIS C 150 -12.30 17.41 -23.46
N GLN C 151 -11.93 18.56 -22.93
CA GLN C 151 -12.39 19.86 -23.39
C GLN C 151 -11.21 20.85 -23.25
N ALA C 152 -11.07 21.80 -24.19
CA ALA C 152 -10.02 22.82 -24.18
C ALA C 152 -10.64 24.18 -24.35
N TYR C 153 -10.13 25.15 -23.59
CA TYR C 153 -10.64 26.51 -23.58
C TYR C 153 -9.53 27.48 -23.96
N LYS C 154 -9.91 28.73 -24.20
CA LYS C 154 -9.02 29.83 -24.57
C LYS C 154 -9.68 31.06 -24.00
N LYS C 155 -9.11 31.60 -22.88
CA LYS C 155 -9.63 32.77 -22.16
C LYS C 155 -11.06 32.49 -21.65
N GLY C 156 -11.28 31.25 -21.18
CA GLY C 156 -12.54 30.76 -20.64
C GLY C 156 -13.60 30.29 -21.63
N VAL C 157 -13.38 30.56 -22.94
CA VAL C 157 -14.30 30.23 -24.05
C VAL C 157 -13.99 28.83 -24.57
N PRO C 158 -14.97 27.87 -24.53
CA PRO C 158 -14.69 26.51 -25.04
C PRO C 158 -14.40 26.51 -26.53
N GLN C 159 -13.39 25.74 -26.96
CA GLN C 159 -13.00 25.63 -28.37
C GLN C 159 -13.74 24.48 -29.08
N PHE C 160 -14.40 23.61 -28.31
CA PHE C 160 -15.17 22.47 -28.83
C PHE C 160 -15.98 21.83 -27.72
N ASP C 161 -17.08 21.12 -28.10
CA ASP C 161 -17.96 20.43 -27.16
C ASP C 161 -17.18 19.25 -26.54
N LEU C 162 -17.56 18.88 -25.30
CA LEU C 162 -16.95 17.77 -24.55
C LEU C 162 -16.91 16.51 -25.43
N LYS C 163 -15.69 16.04 -25.76
CA LYS C 163 -15.42 14.88 -26.60
C LYS C 163 -14.93 13.66 -25.81
N GLU C 164 -15.16 12.46 -26.36
CA GLU C 164 -14.69 11.20 -25.79
C GLU C 164 -13.42 10.90 -26.60
N VAL C 165 -12.28 10.85 -25.89
CA VAL C 165 -10.97 10.68 -26.51
C VAL C 165 -10.30 9.33 -26.20
N GLY C 166 -11.01 8.43 -25.52
CA GLY C 166 -10.49 7.12 -25.19
C GLY C 166 -11.21 6.39 -24.07
N THR C 167 -10.68 5.20 -23.68
CA THR C 167 -11.23 4.36 -22.59
C THR C 167 -10.18 4.23 -21.50
N THR C 168 -10.61 4.05 -20.23
CA THR C 168 -9.73 3.96 -19.08
C THR C 168 -10.30 3.05 -17.98
N ASP C 169 -9.45 2.56 -17.09
CA ASP C 169 -9.83 1.73 -15.96
C ASP C 169 -9.69 2.58 -14.68
N LYS C 170 -8.89 3.68 -14.79
CA LYS C 170 -8.60 4.63 -13.72
C LYS C 170 -9.64 5.78 -13.69
N THR C 171 -9.69 6.51 -12.58
CA THR C 171 -10.57 7.68 -12.40
C THR C 171 -9.75 8.89 -11.95
N GLY C 172 -10.34 10.08 -12.08
CA GLY C 172 -9.69 11.32 -11.67
C GLY C 172 -9.70 12.42 -12.70
N THR C 173 -9.31 13.63 -12.29
CA THR C 173 -9.28 14.83 -13.13
C THR C 173 -7.85 15.30 -13.45
N VAL C 174 -7.68 15.91 -14.62
CA VAL C 174 -6.41 16.46 -15.10
C VAL C 174 -6.68 17.87 -15.58
N ILE C 175 -6.08 18.87 -14.93
CA ILE C 175 -6.25 20.26 -15.40
C ILE C 175 -4.90 20.80 -15.81
N ARG C 176 -4.77 21.11 -17.07
CA ARG C 176 -3.54 21.63 -17.65
C ARG C 176 -3.82 23.05 -18.14
N PHE C 177 -3.06 24.07 -17.72
CA PHE C 177 -3.30 25.46 -18.19
C PHE C 177 -2.03 26.29 -18.38
N LYS C 178 -2.12 27.34 -19.23
CA LYS C 178 -1.04 28.29 -19.49
C LYS C 178 -1.58 29.65 -19.08
N ALA C 179 -0.99 30.26 -18.05
CA ALA C 179 -1.40 31.57 -17.55
C ALA C 179 -1.30 32.63 -18.65
N ASP C 180 -2.34 33.49 -18.74
CA ASP C 180 -2.45 34.54 -19.74
C ASP C 180 -1.48 35.69 -19.49
N GLY C 181 -0.55 35.90 -20.42
CA GLY C 181 0.47 36.95 -20.38
C GLY C 181 -0.10 38.36 -20.38
N GLU C 182 -1.32 38.53 -20.94
CA GLU C 182 -2.03 39.81 -21.00
C GLU C 182 -2.47 40.23 -19.62
N ILE C 183 -2.70 39.26 -18.74
CA ILE C 183 -3.16 39.50 -17.38
C ILE C 183 -1.94 39.61 -16.47
N PHE C 184 -1.10 38.59 -16.45
CA PHE C 184 0.14 38.51 -15.66
C PHE C 184 1.23 39.19 -16.48
N THR C 185 1.18 40.52 -16.47
CA THR C 185 2.04 41.45 -17.23
C THR C 185 3.50 41.55 -16.78
N GLU C 186 3.84 41.06 -15.56
CA GLU C 186 5.21 41.12 -15.04
C GLU C 186 5.95 39.84 -15.33
N THR C 187 5.44 38.70 -14.84
CA THR C 187 6.05 37.39 -15.04
C THR C 187 5.00 36.27 -15.13
N THR C 188 5.30 35.26 -15.97
CA THR C 188 4.48 34.06 -16.18
C THR C 188 5.33 32.81 -15.86
N VAL C 189 6.52 33.05 -15.26
CA VAL C 189 7.48 32.02 -14.85
C VAL C 189 7.27 31.70 -13.37
N TYR C 190 7.12 30.39 -13.10
CA TYR C 190 6.90 29.82 -11.77
C TYR C 190 8.17 29.59 -10.98
N ASN C 191 8.06 29.84 -9.69
CA ASN C 191 9.12 29.66 -8.73
C ASN C 191 8.84 28.29 -8.11
N TYR C 192 9.77 27.33 -8.35
CA TYR C 192 9.69 25.96 -7.85
C TYR C 192 9.64 25.96 -6.33
N GLU C 193 10.48 26.80 -5.68
CA GLU C 193 10.54 26.89 -4.21
C GLU C 193 9.26 27.40 -3.61
N THR C 194 8.60 28.36 -4.29
CA THR C 194 7.31 28.92 -3.87
C THR C 194 6.28 27.81 -3.90
N LEU C 195 6.27 26.99 -4.97
CA LEU C 195 5.36 25.87 -5.16
C LEU C 195 5.56 24.74 -4.12
N GLN C 196 6.82 24.37 -3.90
CA GLN C 196 7.31 23.35 -2.98
C GLN C 196 6.95 23.68 -1.54
N GLN C 197 7.13 24.94 -1.13
CA GLN C 197 6.80 25.34 0.23
C GLN C 197 5.32 25.00 0.55
N ARG C 198 4.34 25.48 -0.26
CA ARG C 198 2.92 25.23 -0.01
C ARG C 198 2.54 23.76 -0.19
N ILE C 199 3.07 23.08 -1.23
CA ILE C 199 2.77 21.64 -1.45
C ILE C 199 3.18 20.79 -0.20
N ARG C 200 4.35 21.10 0.41
CA ARG C 200 4.86 20.43 1.61
C ARG C 200 3.87 20.66 2.77
N GLU C 201 3.47 21.93 3.02
CA GLU C 201 2.50 22.33 4.06
C GLU C 201 1.14 21.58 3.86
N LEU C 202 0.72 21.41 2.64
CA LEU C 202 -0.51 20.75 2.33
C LEU C 202 -0.54 19.29 2.62
N ALA C 203 0.53 18.60 2.27
CA ALA C 203 0.71 17.20 2.57
C ALA C 203 0.87 16.93 4.05
N PHE C 204 1.55 17.83 4.72
CA PHE C 204 1.63 17.76 6.15
C PHE C 204 0.31 18.01 6.87
N LEU C 205 -0.44 18.99 6.43
CA LEU C 205 -1.76 19.30 6.97
C LEU C 205 -2.80 18.26 6.69
N ASN C 206 -2.71 17.63 5.54
CA ASN C 206 -3.62 16.57 5.22
C ASN C 206 -2.82 15.33 5.08
N LYS C 207 -2.97 14.42 6.02
CA LYS C 207 -2.12 13.25 6.09
C LYS C 207 -2.60 12.07 5.28
N GLY C 208 -1.67 11.27 4.79
CA GLY C 208 -2.02 10.14 3.93
C GLY C 208 -2.12 10.44 2.45
N ILE C 209 -2.28 11.70 2.09
CA ILE C 209 -2.26 12.09 0.69
C ILE C 209 -0.86 12.25 0.15
N GLN C 210 -0.62 11.66 -1.00
CA GLN C 210 0.69 11.82 -1.61
C GLN C 210 0.57 12.99 -2.56
N ILE C 211 1.39 14.03 -2.36
CA ILE C 211 1.45 15.23 -3.21
C ILE C 211 2.91 15.31 -3.70
N THR C 212 3.05 15.22 -5.02
CA THR C 212 4.28 15.26 -5.77
C THR C 212 4.33 16.52 -6.65
N LEU C 213 5.49 17.20 -6.65
CA LEU C 213 5.78 18.37 -7.47
C LEU C 213 6.97 17.97 -8.36
N ARG C 214 6.86 18.19 -9.68
CA ARG C 214 7.87 17.89 -10.71
C ARG C 214 8.15 19.13 -11.62
N ASP C 215 9.43 19.36 -11.97
CA ASP C 215 9.78 20.48 -12.85
C ASP C 215 10.34 19.93 -14.16
N GLU C 216 9.51 19.99 -15.21
CA GLU C 216 9.84 19.51 -16.55
C GLU C 216 10.13 20.64 -17.51
N ARG C 217 10.49 21.83 -17.03
CA ARG C 217 10.79 22.95 -17.94
C ARG C 217 12.05 22.70 -18.76
N ASP C 218 13.06 22.02 -18.18
CA ASP C 218 14.32 21.61 -18.80
C ASP C 218 14.34 20.05 -18.83
N GLU C 219 14.16 19.48 -20.02
CA GLU C 219 14.12 18.05 -20.32
C GLU C 219 15.42 17.33 -19.92
N GLU C 220 16.54 18.07 -19.94
CA GLU C 220 17.87 17.56 -19.60
C GLU C 220 18.13 17.50 -18.09
N ASN C 221 17.33 18.21 -17.30
CA ASN C 221 17.48 18.27 -15.85
C ASN C 221 16.11 18.45 -15.22
N VAL C 222 15.49 17.31 -14.87
CA VAL C 222 14.18 17.19 -14.26
C VAL C 222 14.32 16.94 -12.73
N ARG C 223 13.61 17.77 -11.92
CA ARG C 223 13.57 17.77 -10.47
C ARG C 223 12.20 17.30 -10.01
N GLU C 224 12.16 16.39 -9.03
CA GLU C 224 10.93 15.87 -8.46
C GLU C 224 11.03 15.81 -6.93
N ASP C 225 9.92 16.18 -6.24
CA ASP C 225 9.75 16.18 -4.79
C ASP C 225 8.45 15.49 -4.45
N SER C 226 8.50 14.37 -3.73
CA SER C 226 7.31 13.64 -3.33
C SER C 226 7.10 13.70 -1.82
N TYR C 227 5.90 14.14 -1.39
CA TYR C 227 5.57 14.24 0.04
C TYR C 227 4.46 13.30 0.43
N HIS C 228 4.60 12.67 1.61
CA HIS C 228 3.64 11.70 2.13
C HIS C 228 3.82 11.45 3.61
N TYR C 229 3.10 12.20 4.47
CA TYR C 229 3.13 12.09 5.94
C TYR C 229 1.96 11.24 6.45
N GLU C 230 2.20 10.40 7.47
CA GLU C 230 1.18 9.54 8.09
C GLU C 230 1.15 9.80 9.59
N LEU D 25 -39.15 4.56 20.98
CA LEU D 25 -40.59 4.37 20.76
C LEU D 25 -41.05 2.92 21.02
N GLU D 26 -42.33 2.73 21.39
CA GLU D 26 -42.95 1.42 21.65
C GLU D 26 -42.99 0.55 20.39
N ALA D 27 -42.79 1.19 19.20
CA ALA D 27 -42.77 0.56 17.87
C ALA D 27 -41.59 -0.40 17.82
N ALA D 28 -40.41 0.05 18.31
CA ALA D 28 -39.19 -0.75 18.36
C ALA D 28 -39.38 -1.99 19.26
N ARG D 29 -40.09 -1.84 20.41
CA ARG D 29 -40.37 -2.94 21.34
C ARG D 29 -41.52 -3.86 20.89
N LYS D 30 -42.48 -3.34 20.07
CA LYS D 30 -43.63 -4.10 19.54
C LYS D 30 -43.20 -4.95 18.35
N ARG D 31 -42.33 -4.41 17.49
CA ARG D 31 -41.79 -5.09 16.31
C ARG D 31 -40.22 -5.09 16.35
N PRO D 32 -39.57 -5.84 17.29
CA PRO D 32 -38.10 -5.86 17.33
C PRO D 32 -37.43 -6.32 16.03
N GLY D 33 -37.97 -7.38 15.41
CA GLY D 33 -37.49 -7.96 14.15
C GLY D 33 -37.44 -7.01 12.98
N MET D 34 -38.38 -6.05 12.93
CA MET D 34 -38.44 -5.05 11.87
C MET D 34 -37.21 -4.10 11.91
N TYR D 35 -36.71 -3.77 13.13
CA TYR D 35 -35.58 -2.87 13.35
C TYR D 35 -34.23 -3.56 13.55
N ILE D 36 -34.22 -4.69 14.28
CA ILE D 36 -33.01 -5.43 14.58
C ILE D 36 -32.92 -6.84 13.87
N GLY D 37 -33.88 -7.15 13.01
CA GLY D 37 -33.90 -8.39 12.26
C GLY D 37 -34.30 -9.66 12.99
N SER D 38 -33.76 -9.86 14.21
CA SER D 38 -34.02 -11.05 15.04
C SER D 38 -33.98 -10.69 16.50
N THR D 39 -34.62 -11.51 17.32
CA THR D 39 -34.69 -11.33 18.76
C THR D 39 -33.93 -12.48 19.45
N SER D 40 -33.32 -13.39 18.65
CA SER D 40 -32.53 -14.52 19.15
C SER D 40 -31.06 -14.07 19.44
N GLU D 41 -30.09 -15.02 19.48
CA GLU D 41 -28.68 -14.72 19.70
C GLU D 41 -28.17 -13.84 18.54
N ARG D 42 -28.65 -14.11 17.28
CA ARG D 42 -28.30 -13.32 16.10
C ARG D 42 -28.63 -11.85 16.38
N GLY D 43 -29.87 -11.58 16.82
CA GLY D 43 -30.35 -10.25 17.14
C GLY D 43 -29.61 -9.57 18.27
N LEU D 44 -29.23 -10.34 19.31
CA LEU D 44 -28.49 -9.85 20.48
C LEU D 44 -27.18 -9.18 20.05
N HIS D 45 -26.47 -9.80 19.08
CA HIS D 45 -25.21 -9.29 18.56
C HIS D 45 -25.42 -8.05 17.62
N HIS D 46 -26.58 -7.96 16.92
CA HIS D 46 -26.92 -6.82 16.06
C HIS D 46 -27.02 -5.49 16.88
N LEU D 47 -27.37 -5.55 18.18
CA LEU D 47 -27.42 -4.37 19.07
C LEU D 47 -26.02 -3.70 19.14
N VAL D 48 -24.93 -4.52 19.22
CA VAL D 48 -23.52 -4.08 19.25
C VAL D 48 -23.18 -3.31 17.96
N TRP D 49 -23.45 -3.94 16.78
CA TRP D 49 -23.20 -3.38 15.44
C TRP D 49 -23.92 -2.07 15.20
N GLU D 50 -25.08 -1.86 15.84
CA GLU D 50 -25.81 -0.61 15.71
C GLU D 50 -24.99 0.56 16.29
N ILE D 51 -24.51 0.40 17.56
CA ILE D 51 -23.69 1.41 18.23
C ILE D 51 -22.30 1.54 17.60
N VAL D 52 -21.61 0.42 17.29
CA VAL D 52 -20.28 0.45 16.66
C VAL D 52 -20.33 1.24 15.33
N ASP D 53 -21.47 1.16 14.61
CA ASP D 53 -21.69 1.90 13.37
C ASP D 53 -21.68 3.40 13.58
N ASN D 54 -22.21 3.88 14.73
CA ASN D 54 -22.20 5.32 15.05
C ASN D 54 -20.75 5.78 15.20
N SER D 55 -19.94 5.00 15.93
CA SER D 55 -18.53 5.29 16.14
C SER D 55 -17.73 5.19 14.81
N ILE D 56 -18.04 4.20 13.94
CA ILE D 56 -17.36 4.01 12.65
C ILE D 56 -17.60 5.23 11.74
N ASP D 57 -18.86 5.73 11.69
CA ASP D 57 -19.28 6.91 10.94
C ASP D 57 -18.52 8.17 11.38
N GLU D 58 -18.43 8.40 12.69
CA GLU D 58 -17.71 9.53 13.29
C GLU D 58 -16.20 9.41 12.97
N ALA D 59 -15.71 8.17 12.78
CA ALA D 59 -14.31 7.94 12.45
C ALA D 59 -14.07 8.24 10.98
N LEU D 60 -14.93 7.75 10.11
CA LEU D 60 -14.83 8.09 8.72
C LEU D 60 -14.75 9.59 8.59
N ALA D 61 -15.77 10.25 9.10
CA ALA D 61 -15.92 11.71 9.08
C ALA D 61 -14.60 12.48 9.36
N GLY D 62 -13.60 11.78 9.94
CA GLY D 62 -12.28 12.32 10.24
C GLY D 62 -12.09 12.89 11.62
N TYR D 63 -12.89 12.41 12.60
CA TYR D 63 -12.83 12.89 13.98
C TYR D 63 -12.37 11.83 14.95
N ALA D 64 -12.76 10.57 14.73
CA ALA D 64 -12.35 9.44 15.57
C ALA D 64 -11.32 8.57 14.84
N ASN D 65 -10.44 7.90 15.59
CA ASN D 65 -9.42 7.00 15.05
C ASN D 65 -9.25 5.72 15.94
N GLN D 66 -9.94 5.70 17.10
CA GLN D 66 -9.88 4.61 18.08
C GLN D 66 -11.25 4.24 18.59
N ILE D 67 -11.61 2.95 18.51
CA ILE D 67 -12.89 2.42 18.99
C ILE D 67 -12.60 1.21 19.89
N GLU D 68 -13.35 1.11 20.98
CA GLU D 68 -13.20 0.04 21.93
C GLU D 68 -14.56 -0.55 22.29
N VAL D 69 -14.66 -1.85 22.21
CA VAL D 69 -15.91 -2.56 22.54
C VAL D 69 -15.55 -3.50 23.68
N VAL D 70 -16.13 -3.25 24.86
CA VAL D 70 -15.88 -4.08 26.04
C VAL D 70 -17.13 -4.89 26.43
N ILE D 71 -16.95 -6.21 26.68
CA ILE D 71 -17.98 -7.12 27.24
C ILE D 71 -17.68 -7.09 28.73
N GLU D 72 -18.58 -6.50 29.50
CA GLU D 72 -18.40 -6.38 30.96
C GLU D 72 -19.21 -7.45 31.71
N LYS D 73 -19.05 -7.47 33.04
CA LYS D 73 -19.78 -8.38 33.93
C LYS D 73 -21.30 -8.18 33.71
N ASP D 74 -22.07 -9.28 33.78
CA ASP D 74 -23.55 -9.38 33.64
C ASP D 74 -24.01 -9.16 32.19
N ASN D 75 -23.04 -9.24 31.28
CA ASN D 75 -23.14 -9.10 29.83
C ASN D 75 -23.53 -7.68 29.37
N TRP D 76 -23.01 -6.66 30.06
CA TRP D 76 -23.20 -5.27 29.66
C TRP D 76 -22.19 -5.00 28.50
N ILE D 77 -22.55 -4.16 27.56
CA ILE D 77 -21.64 -3.86 26.44
C ILE D 77 -21.28 -2.39 26.57
N LYS D 78 -19.98 -2.10 26.55
CA LYS D 78 -19.53 -0.71 26.58
C LYS D 78 -18.82 -0.43 25.25
N VAL D 79 -19.26 0.59 24.53
CA VAL D 79 -18.65 1.01 23.26
C VAL D 79 -18.09 2.42 23.52
N THR D 80 -16.83 2.64 23.14
CA THR D 80 -16.11 3.90 23.37
C THR D 80 -15.36 4.37 22.14
N ASP D 81 -15.47 5.66 21.79
CA ASP D 81 -14.72 6.23 20.65
C ASP D 81 -14.06 7.53 21.06
N ASN D 82 -13.16 8.06 20.23
CA ASN D 82 -12.50 9.33 20.55
C ASN D 82 -12.90 10.44 19.58
N GLY D 83 -14.18 10.39 19.16
CA GLY D 83 -14.79 11.36 18.27
C GLY D 83 -15.08 12.66 18.99
N ARG D 84 -16.04 13.43 18.48
CA ARG D 84 -16.37 14.74 19.08
C ARG D 84 -17.27 14.67 20.30
N GLY D 85 -18.05 13.59 20.41
CA GLY D 85 -19.01 13.41 21.49
C GLY D 85 -20.36 13.92 21.01
N ILE D 86 -21.45 13.15 21.26
CA ILE D 86 -22.80 13.53 20.83
C ILE D 86 -23.18 14.91 21.41
N PRO D 87 -23.52 15.93 20.57
CA PRO D 87 -23.89 17.26 21.09
C PRO D 87 -24.93 17.23 22.21
N VAL D 88 -24.74 18.09 23.21
CA VAL D 88 -25.54 18.19 24.44
C VAL D 88 -26.61 19.31 24.45
N ASP D 89 -26.46 20.33 23.60
CA ASP D 89 -27.35 21.47 23.46
C ASP D 89 -28.84 21.10 23.31
N ILE D 90 -29.72 21.86 24.02
CA ILE D 90 -31.18 21.73 24.06
C ILE D 90 -31.87 22.29 22.81
N PRO D 97 -32.13 18.45 24.67
CA PRO D 97 -30.71 18.01 24.57
C PRO D 97 -30.51 17.00 23.44
N ALA D 98 -29.55 17.30 22.53
CA ALA D 98 -29.26 16.45 21.38
C ALA D 98 -29.05 14.96 21.72
N VAL D 99 -28.33 14.66 22.82
CA VAL D 99 -28.08 13.27 23.26
C VAL D 99 -29.42 12.57 23.54
N GLU D 100 -30.29 13.21 24.36
CA GLU D 100 -31.63 12.70 24.73
C GLU D 100 -32.53 12.51 23.49
N VAL D 101 -32.46 13.47 22.55
CA VAL D 101 -33.25 13.43 21.33
C VAL D 101 -32.87 12.22 20.49
N ILE D 102 -31.57 12.04 20.18
CA ILE D 102 -31.04 10.92 19.37
C ILE D 102 -31.25 9.54 20.02
N LEU D 103 -31.21 9.47 21.34
CA LEU D 103 -31.37 8.21 22.05
C LEU D 103 -32.82 7.80 22.34
N THR D 104 -33.80 8.70 22.09
CA THR D 104 -35.20 8.37 22.39
C THR D 104 -36.14 8.56 21.20
N VAL D 105 -35.67 9.25 20.14
CA VAL D 105 -36.46 9.49 18.91
C VAL D 105 -36.11 8.45 17.85
N VAL D 126 -29.96 6.69 13.75
CA VAL D 126 -31.30 6.18 14.09
C VAL D 126 -31.21 4.87 14.93
N GLY D 127 -30.12 4.13 14.75
CA GLY D 127 -29.85 2.86 15.42
C GLY D 127 -29.77 2.87 16.93
N SER D 128 -29.09 3.89 17.50
CA SER D 128 -28.87 4.06 18.94
C SER D 128 -30.15 4.05 19.76
N SER D 129 -31.22 4.71 19.26
CA SER D 129 -32.53 4.77 19.95
C SER D 129 -33.25 3.43 20.00
N VAL D 130 -32.99 2.56 18.98
CA VAL D 130 -33.56 1.21 18.86
C VAL D 130 -32.89 0.33 19.95
N VAL D 131 -31.56 0.50 20.14
CA VAL D 131 -30.80 -0.22 21.16
C VAL D 131 -31.32 0.23 22.51
N ASN D 132 -31.56 1.55 22.68
CA ASN D 132 -32.10 2.11 23.90
C ASN D 132 -33.47 1.49 24.24
N ALA D 133 -34.39 1.38 23.25
CA ALA D 133 -35.72 0.77 23.46
C ALA D 133 -35.63 -0.72 23.86
N LEU D 134 -34.75 -1.48 23.17
CA LEU D 134 -34.51 -2.92 23.35
C LEU D 134 -33.56 -3.28 24.51
N SER D 135 -33.16 -2.27 25.32
CA SER D 135 -32.28 -2.51 26.47
C SER D 135 -33.00 -2.25 27.79
N GLN D 136 -32.74 -3.07 28.81
CA GLN D 136 -33.34 -2.89 30.14
C GLN D 136 -32.71 -1.69 30.84
N ASP D 137 -31.47 -1.32 30.44
CA ASP D 137 -30.69 -0.18 30.93
C ASP D 137 -29.70 0.30 29.87
N LEU D 138 -29.42 1.61 29.82
CA LEU D 138 -28.47 2.24 28.89
C LEU D 138 -27.91 3.51 29.51
N GLU D 139 -26.59 3.68 29.47
CA GLU D 139 -25.85 4.83 30.00
C GLU D 139 -25.09 5.54 28.89
N VAL D 140 -25.14 6.86 28.88
CA VAL D 140 -24.38 7.66 27.93
C VAL D 140 -23.45 8.57 28.70
N TYR D 141 -22.25 8.78 28.17
CA TYR D 141 -21.23 9.64 28.75
C TYR D 141 -20.62 10.39 27.60
N VAL D 142 -20.91 11.70 27.54
CA VAL D 142 -20.36 12.52 26.48
C VAL D 142 -19.20 13.36 27.03
N HIS D 143 -18.03 13.25 26.38
CA HIS D 143 -16.84 14.01 26.73
C HIS D 143 -16.77 15.18 25.72
N ARG D 144 -17.38 16.31 26.10
CA ARG D 144 -17.45 17.49 25.25
C ARG D 144 -17.26 18.78 26.05
N ASN D 145 -16.61 19.80 25.44
CA ASN D 145 -16.34 21.15 26.01
C ASN D 145 -15.63 21.09 27.38
N GLU D 146 -14.62 20.19 27.47
CA GLU D 146 -13.78 19.93 28.66
C GLU D 146 -14.63 19.49 29.87
N THR D 147 -15.77 18.81 29.61
CA THR D 147 -16.67 18.30 30.64
C THR D 147 -17.30 16.95 30.26
N ILE D 148 -17.68 16.15 31.27
CA ILE D 148 -18.34 14.86 31.06
C ILE D 148 -19.81 15.06 31.41
N TYR D 149 -20.72 14.66 30.49
CA TYR D 149 -22.18 14.72 30.64
C TYR D 149 -22.66 13.29 30.72
N HIS D 150 -23.72 13.03 31.49
CA HIS D 150 -24.26 11.70 31.67
C HIS D 150 -25.77 11.64 31.86
N GLN D 151 -26.41 10.70 31.14
CA GLN D 151 -27.83 10.39 31.21
C GLN D 151 -27.97 8.87 31.13
N ALA D 152 -28.89 8.29 31.91
CA ALA D 152 -29.21 6.86 31.93
C ALA D 152 -30.70 6.67 31.58
N TYR D 153 -31.04 5.50 31.02
CA TYR D 153 -32.39 5.18 30.55
C TYR D 153 -32.76 3.77 30.98
N LYS D 154 -34.05 3.40 30.84
CA LYS D 154 -34.62 2.08 31.16
C LYS D 154 -35.76 1.86 30.17
N LYS D 155 -35.57 0.91 29.23
CA LYS D 155 -36.47 0.54 28.13
C LYS D 155 -36.76 1.76 27.25
N GLY D 156 -35.72 2.58 27.07
CA GLY D 156 -35.74 3.80 26.27
C GLY D 156 -36.13 5.05 27.03
N VAL D 157 -36.76 4.88 28.22
CA VAL D 157 -37.27 5.96 29.09
C VAL D 157 -36.19 6.64 29.94
N PRO D 158 -35.86 7.94 29.68
CA PRO D 158 -34.85 8.62 30.52
C PRO D 158 -35.19 8.59 32.01
N GLN D 159 -34.23 8.12 32.84
CA GLN D 159 -34.42 8.02 34.29
C GLN D 159 -34.22 9.36 34.99
N PHE D 160 -33.48 10.27 34.34
CA PHE D 160 -33.19 11.60 34.86
C PHE D 160 -32.67 12.48 33.73
N ASP D 161 -32.71 13.81 33.93
CA ASP D 161 -32.24 14.81 32.98
C ASP D 161 -30.72 14.80 32.90
N LEU D 162 -30.17 15.22 31.73
CA LEU D 162 -28.75 15.26 31.44
C LEU D 162 -28.01 16.08 32.52
N LYS D 163 -27.13 15.41 33.28
CA LYS D 163 -26.37 16.01 34.37
C LYS D 163 -24.87 15.95 34.13
N GLU D 164 -24.16 17.05 34.45
CA GLU D 164 -22.70 17.16 34.32
C GLU D 164 -22.03 16.42 35.50
N VAL D 165 -21.33 15.30 35.20
CA VAL D 165 -20.67 14.41 36.17
C VAL D 165 -19.19 14.77 36.48
N GLY D 166 -18.56 15.58 35.65
CA GLY D 166 -17.17 15.95 35.88
C GLY D 166 -16.50 16.77 34.80
N THR D 167 -15.15 16.76 34.84
CA THR D 167 -14.25 17.48 33.94
C THR D 167 -13.43 16.48 33.11
N THR D 168 -12.88 16.91 31.94
CA THR D 168 -12.08 16.02 31.07
C THR D 168 -11.08 16.75 30.14
N ASP D 169 -9.98 16.04 29.78
CA ASP D 169 -8.90 16.49 28.90
C ASP D 169 -9.05 15.97 27.45
N LYS D 170 -10.06 15.12 27.21
CA LYS D 170 -10.31 14.51 25.91
C LYS D 170 -11.78 14.59 25.46
N THR D 171 -12.07 14.10 24.23
CA THR D 171 -13.41 14.07 23.65
C THR D 171 -13.79 12.65 23.22
N GLY D 172 -15.09 12.47 22.95
CA GLY D 172 -15.65 11.18 22.54
C GLY D 172 -16.90 10.80 23.29
N THR D 173 -17.57 9.74 22.82
CA THR D 173 -18.81 9.21 23.37
C THR D 173 -18.60 7.82 23.97
N VAL D 174 -19.29 7.55 25.09
CA VAL D 174 -19.25 6.26 25.76
C VAL D 174 -20.68 5.79 25.91
N ILE D 175 -21.02 4.69 25.26
CA ILE D 175 -22.35 4.11 25.36
C ILE D 175 -22.24 2.72 26.00
N ARG D 176 -22.95 2.54 27.10
CA ARG D 176 -23.03 1.30 27.89
C ARG D 176 -24.49 0.84 27.86
N PHE D 177 -24.75 -0.45 27.69
CA PHE D 177 -26.14 -0.91 27.72
C PHE D 177 -26.25 -2.34 28.17
N LYS D 178 -27.47 -2.74 28.55
CA LYS D 178 -27.74 -4.12 28.95
C LYS D 178 -28.97 -4.57 28.23
N ALA D 179 -28.81 -5.55 27.34
CA ALA D 179 -29.90 -6.12 26.58
C ALA D 179 -31.02 -6.58 27.52
N ASP D 180 -32.27 -6.27 27.12
CA ASP D 180 -33.47 -6.61 27.84
C ASP D 180 -33.78 -8.09 27.71
N GLY D 181 -33.72 -8.81 28.83
CA GLY D 181 -34.04 -10.24 28.93
C GLY D 181 -35.45 -10.57 28.50
N GLU D 182 -36.39 -9.59 28.62
CA GLU D 182 -37.80 -9.73 28.22
C GLU D 182 -37.98 -9.69 26.70
N ILE D 183 -36.98 -9.19 25.96
CA ILE D 183 -36.98 -9.13 24.50
C ILE D 183 -36.09 -10.28 23.95
N PHE D 184 -34.86 -10.41 24.50
CA PHE D 184 -33.90 -11.44 24.14
C PHE D 184 -34.03 -12.55 25.17
N THR D 185 -35.14 -13.30 25.02
CA THR D 185 -35.54 -14.39 25.93
C THR D 185 -34.64 -15.61 25.84
N GLU D 186 -34.34 -16.11 24.62
CA GLU D 186 -33.47 -17.27 24.38
C GLU D 186 -32.11 -17.14 25.09
N THR D 187 -31.40 -16.01 24.87
CA THR D 187 -30.11 -15.71 25.51
C THR D 187 -29.79 -14.20 25.52
N THR D 188 -29.07 -13.77 26.55
CA THR D 188 -28.55 -12.41 26.74
C THR D 188 -26.99 -12.49 26.87
N VAL D 189 -26.40 -13.71 26.71
CA VAL D 189 -24.94 -13.97 26.80
C VAL D 189 -24.23 -13.82 25.44
N TYR D 190 -23.33 -12.83 25.35
CA TYR D 190 -22.56 -12.58 24.13
C TYR D 190 -21.49 -13.64 23.82
N ASN D 191 -21.24 -13.85 22.52
CA ASN D 191 -20.21 -14.76 22.04
C ASN D 191 -19.04 -13.90 21.51
N TYR D 192 -17.89 -13.96 22.24
CA TYR D 192 -16.67 -13.23 21.92
C TYR D 192 -16.20 -13.44 20.45
N GLU D 193 -16.22 -14.70 19.96
CA GLU D 193 -15.82 -15.07 18.60
C GLU D 193 -16.74 -14.51 17.54
N THR D 194 -18.06 -14.40 17.84
CA THR D 194 -19.05 -13.81 16.93
C THR D 194 -18.68 -12.31 16.78
N LEU D 195 -18.38 -11.65 17.91
CA LEU D 195 -18.02 -10.24 17.95
C LEU D 195 -16.70 -9.93 17.22
N GLN D 196 -15.67 -10.76 17.48
CA GLN D 196 -14.32 -10.69 16.92
C GLN D 196 -14.39 -10.85 15.38
N GLN D 197 -15.27 -11.73 14.91
CA GLN D 197 -15.44 -11.95 13.47
C GLN D 197 -15.83 -10.66 12.75
N ARG D 198 -16.83 -9.90 13.26
CA ARG D 198 -17.29 -8.67 12.60
C ARG D 198 -16.38 -7.49 12.92
N ILE D 199 -15.92 -7.35 14.19
CA ILE D 199 -15.01 -6.26 14.60
C ILE D 199 -13.78 -6.22 13.67
N ARG D 200 -13.16 -7.41 13.39
CA ARG D 200 -12.01 -7.58 12.51
C ARG D 200 -12.33 -7.14 11.07
N GLU D 201 -13.51 -7.53 10.56
CA GLU D 201 -13.97 -7.20 9.20
C GLU D 201 -14.13 -5.68 9.07
N LEU D 202 -14.60 -5.03 10.10
CA LEU D 202 -14.76 -3.63 10.09
C LEU D 202 -13.47 -2.87 10.09
N ALA D 203 -12.49 -3.36 10.81
CA ALA D 203 -11.16 -2.78 10.80
C ALA D 203 -10.47 -2.89 9.47
N PHE D 204 -10.65 -4.01 8.82
CA PHE D 204 -10.14 -4.21 7.50
C PHE D 204 -10.78 -3.30 6.47
N LEU D 205 -12.10 -3.21 6.47
CA LEU D 205 -12.80 -2.35 5.54
C LEU D 205 -12.56 -0.90 5.78
N ASN D 206 -12.49 -0.51 7.04
CA ASN D 206 -12.24 0.86 7.36
C ASN D 206 -10.86 0.86 7.92
N LYS D 207 -9.87 1.19 7.10
CA LYS D 207 -8.50 1.09 7.56
C LYS D 207 -8.09 2.37 8.22
N GLY D 208 -7.08 2.28 9.07
CA GLY D 208 -6.61 3.39 9.89
C GLY D 208 -7.25 3.49 11.26
N ILE D 209 -8.44 2.95 11.38
CA ILE D 209 -9.18 2.96 12.63
C ILE D 209 -8.75 1.83 13.50
N GLN D 210 -8.52 2.10 14.76
CA GLN D 210 -8.08 1.04 15.63
C GLN D 210 -9.28 0.55 16.40
N ILE D 211 -9.69 -0.71 16.19
CA ILE D 211 -10.85 -1.29 16.88
C ILE D 211 -10.44 -2.40 17.85
N THR D 212 -10.56 -2.15 19.14
CA THR D 212 -10.24 -3.11 20.19
C THR D 212 -11.48 -3.79 20.77
N LEU D 213 -11.45 -5.13 20.90
CA LEU D 213 -12.49 -5.92 21.55
C LEU D 213 -11.86 -6.48 22.80
N ARG D 214 -12.54 -6.33 23.98
CA ARG D 214 -12.06 -6.83 25.28
C ARG D 214 -13.14 -7.52 26.12
N ASP D 215 -12.89 -8.76 26.56
CA ASP D 215 -13.83 -9.48 27.40
C ASP D 215 -13.38 -9.43 28.86
N GLU D 216 -14.13 -8.64 29.68
CA GLU D 216 -13.93 -8.45 31.12
C GLU D 216 -14.99 -9.20 31.93
N ARG D 217 -15.64 -10.25 31.40
CA ARG D 217 -16.68 -10.96 32.16
C ARG D 217 -16.14 -11.73 33.34
N ASP D 218 -14.85 -12.09 33.31
CA ASP D 218 -14.19 -12.81 34.39
C ASP D 218 -12.88 -12.09 34.70
N GLU D 219 -12.91 -11.26 35.78
CA GLU D 219 -11.80 -10.44 36.30
C GLU D 219 -10.46 -11.19 36.45
N GLU D 220 -10.52 -12.54 36.49
CA GLU D 220 -9.36 -13.40 36.66
C GLU D 220 -8.74 -13.86 35.31
N ASN D 221 -9.49 -13.75 34.20
CA ASN D 221 -9.03 -14.13 32.86
C ASN D 221 -9.61 -13.12 31.86
N VAL D 222 -8.83 -12.06 31.61
CA VAL D 222 -9.20 -10.97 30.70
C VAL D 222 -8.59 -11.21 29.27
N ARG D 223 -9.45 -11.31 28.24
CA ARG D 223 -9.06 -11.54 26.84
C ARG D 223 -9.16 -10.23 26.04
N GLU D 224 -8.17 -9.94 25.19
CA GLU D 224 -8.21 -8.70 24.39
C GLU D 224 -7.66 -8.90 22.97
N ASP D 225 -8.34 -8.31 21.99
CA ASP D 225 -7.95 -8.38 20.58
C ASP D 225 -7.97 -7.00 20.01
N SER D 226 -6.84 -6.56 19.47
CA SER D 226 -6.77 -5.23 18.89
C SER D 226 -6.47 -5.33 17.41
N TYR D 227 -7.22 -4.55 16.61
CA TYR D 227 -7.15 -4.47 15.16
C TYR D 227 -6.89 -3.07 14.65
N HIS D 228 -5.89 -2.94 13.77
CA HIS D 228 -5.51 -1.70 13.13
C HIS D 228 -4.88 -2.06 11.79
N TYR D 229 -5.63 -1.91 10.68
CA TYR D 229 -5.14 -2.20 9.32
C TYR D 229 -4.76 -0.89 8.63
N GLU D 230 -3.64 -0.84 7.91
CA GLU D 230 -3.24 0.39 7.20
C GLU D 230 -3.16 0.13 5.68
C1 NOV E . -5.31 -19.56 1.06
O1 NOV E . -5.43 -19.28 2.44
N1 NOV E . -1.08 -21.15 3.03
C12 NOV E . -1.94 -20.53 3.81
O4 NOV E . -2.00 -20.64 5.02
O5 NOV E . -2.77 -19.74 3.09
C27 NOV E . -4.64 -18.19 2.89
C28 NOV E . -3.47 -18.67 3.76
C29 NOV E . -2.61 -17.47 4.15
O6 NOV E . -2.06 -16.79 3.04
C30 NOV E . -3.45 -16.47 4.95
O7 NOV E . -4.67 -16.10 4.29
C31 NOV E . -5.52 -17.07 3.62
C23 NOV E . -6.51 -17.63 4.63
C26 NOV E . -6.25 -16.24 2.57
O8 NOV E . -3.75 -17.14 6.16
C3 NOV E . -4.31 -16.44 7.20
C4 NOV E . -4.51 -17.24 8.34
C2 NOV E . -4.08 -18.68 8.36
C5 NOV E . -5.07 -16.61 9.44
C9 NOV E . -5.38 -15.25 9.47
C10 NOV E . -5.19 -14.50 8.31
C11 NOV E . -4.66 -15.09 7.17
O10 NOV E . -5.28 -17.44 10.54
C6 NOV E . -5.78 -16.97 11.73
O11 NOV E . -5.95 -17.83 12.57
C7 NOV E . -6.09 -15.46 11.81
C8 NOV E . -5.90 -14.68 10.72
O9 NOV E . -6.17 -13.36 10.70
N2 NOV E . -6.67 -15.07 13.04
C13 NOV E . -7.69 -15.73 13.71
O2 NOV E . -7.57 -16.12 14.87
C14 NOV E . -8.94 -15.97 12.93
C15 NOV E . -9.20 -15.24 11.77
C16 NOV E . -10.27 -15.56 10.94
C17 NOV E . -11.09 -16.64 11.29
O3 NOV E . -12.04 -17.08 10.42
C18 NOV E . -10.87 -17.33 12.48
C19 NOV E . -9.80 -17.01 13.28
C20 NOV E . -10.48 -14.70 9.70
C21 NOV E . -10.48 -15.55 8.46
C22 NOV E . -9.64 -15.53 7.44
C24 NOV E . -8.55 -14.52 7.29
C25 NOV E . -9.70 -16.56 6.37
C1 NOV F . 33.83 -2.43 -10.80
O1 NOV F . 33.64 -3.15 -12.00
N1 NOV F . 29.81 -0.91 -12.90
C12 NOV F . 30.60 -1.61 -13.68
O4 NOV F . 30.26 -2.28 -14.63
O5 NOV F . 31.88 -1.47 -13.30
C27 NOV F . 34.08 -2.48 -13.18
C28 NOV F . 32.89 -2.14 -14.08
C29 NOV F . 33.34 -1.36 -15.31
O6 NOV F . 33.96 -0.12 -15.00
C30 NOV F . 34.27 -2.24 -16.14
O7 NOV F . 35.34 -2.79 -15.35
C31 NOV F . 35.15 -3.33 -14.01
C23 NOV F . 34.76 -4.80 -14.15
C26 NOV F . 36.49 -3.21 -13.32
O8 NOV F . 33.46 -3.29 -16.63
C3 NOV F . 33.90 -4.09 -17.65
C4 NOV F . 32.99 -5.10 -18.02
C2 NOV F . 31.65 -5.22 -17.35
C5 NOV F . 33.39 -5.98 -19.03
C9 NOV F . 34.63 -5.87 -19.67
C10 NOV F . 35.50 -4.85 -19.27
C11 NOV F . 35.13 -3.96 -18.27
O10 NOV F . 32.47 -6.95 -19.37
C6 NOV F . 32.70 -7.88 -20.36
O11 NOV F . 31.78 -8.63 -20.58
C7 NOV F . 34.05 -7.80 -21.07
C8 NOV F . 34.95 -6.84 -20.73
O9 NOV F . 36.16 -6.73 -21.28
N2 NOV F . 34.29 -8.89 -21.97
C13 NOV F . 34.11 -10.22 -21.70
O2 NOV F . 33.46 -10.97 -22.44
C14 NOV F . 34.73 -10.74 -20.45
C15 NOV F . 35.82 -10.08 -19.86
C16 NOV F . 36.43 -10.57 -18.71
C17 NOV F . 35.94 -11.75 -18.15
O3 NOV F . 36.51 -12.25 -17.02
C18 NOV F . 34.85 -12.41 -18.72
C19 NOV F . 34.26 -11.90 -19.85
C20 NOV F . 37.60 -9.79 -18.14
C21 NOV F . 37.25 -9.27 -16.77
C22 NOV F . 37.14 -8.02 -16.38
C24 NOV F . 37.38 -6.84 -17.28
C25 NOV F . 36.78 -7.66 -14.98
C1 NOV G . -13.27 21.70 -10.15
O1 NOV G . -13.93 20.46 -9.89
N1 NOV G . -10.37 17.99 -9.28
C12 NOV G . -11.54 17.74 -8.72
O4 NOV G . -12.03 16.63 -8.57
O5 NOV G . -12.13 18.88 -8.29
C27 NOV G . -14.19 20.19 -8.51
C28 NOV G . -13.55 18.86 -8.08
C29 NOV G . -13.89 18.52 -6.63
O6 NOV G . -13.33 19.43 -5.68
C30 NOV G . -15.41 18.42 -6.46
O7 NOV G . -16.12 19.53 -7.01
C31 NOV G . -15.75 20.15 -8.27
C23 NOV G . -16.51 19.43 -9.38
C26 NOV G . -16.30 21.55 -8.07
O8 NOV G . -15.79 17.22 -7.09
C3 NOV G . -16.99 16.62 -6.79
C4 NOV G . -17.21 15.42 -7.47
C2 NOV G . -16.17 14.85 -8.40
C5 NOV G . -18.43 14.77 -7.23
C9 NOV G . -19.39 15.28 -6.36
C10 NOV G . -19.12 16.48 -5.69
C11 NOV G . -17.92 17.15 -5.90
O10 NOV G . -18.60 13.55 -7.88
C6 NOV G . -19.73 12.77 -7.72
O11 NOV G . -19.71 11.71 -8.29
C7 NOV G . -20.82 13.33 -6.80
C8 NOV G . -20.63 14.52 -6.18
O9 NOV G . -21.56 15.08 -5.40
N2 NOV G . -22.02 12.57 -6.85
C13 NOV G . -22.62 12.06 -7.98
O2 NOV G . -22.77 10.85 -8.16
C14 NOV G . -23.02 13.07 -9.02
C15 NOV G . -23.09 14.43 -8.70
C16 NOV G . -23.29 15.40 -9.67
C17 NOV G . -23.45 14.98 -11.00
O3 NOV G . -23.57 15.90 -11.99
C18 NOV G . -23.41 13.63 -11.32
C19 NOV G . -23.19 12.68 -10.34
C20 NOV G . -23.25 16.85 -9.24
C21 NOV G . -22.21 17.60 -10.05
C22 NOV G . -21.09 18.15 -9.62
C24 NOV G . -20.61 18.10 -8.20
C25 NOV G . -20.17 18.88 -10.55
C1 NOV H . -25.56 8.22 18.00
O1 NOV H . -24.77 9.40 17.89
N1 NOV H . -20.55 7.40 18.59
C12 NOV H . -20.84 8.53 17.96
O4 NOV H . -20.09 9.49 17.88
O5 NOV H . -22.08 8.47 17.41
C27 NOV H . -24.13 9.55 16.61
C28 NOV H . -22.62 9.66 16.78
C29 NOV H . -21.96 9.91 15.42
O6 NOV H . -22.17 8.83 14.52
C30 NOV H . -22.49 11.22 14.82
O7 NOV H . -23.91 11.29 14.77
C31 NOV H . -24.75 10.84 15.86
C23 NOV H . -24.97 12.06 16.75
C26 NOV H . -26.03 10.48 15.12
O8 NOV H . -21.99 12.27 15.60
C3 NOV H . -21.99 13.55 15.08
C4 NOV H . -21.45 14.52 15.93
C2 NOV H . -20.95 14.15 17.30
C5 NOV H . -21.35 15.81 15.43
C9 NOV H . -21.75 16.15 14.12
C10 NOV H . -22.31 15.16 13.32
C11 NOV H . -22.43 13.86 13.78
O10 NOV H . -20.80 16.75 16.28
C6 NOV H . -20.60 18.07 15.93
O11 NOV H . -20.08 18.75 16.78
C7 NOV H . -21.03 18.48 14.50
C8 NOV H . -21.55 17.52 13.67
O9 NOV H . -21.86 17.77 12.40
N2 NOV H . -20.96 19.87 14.27
C13 NOV H . -21.05 20.88 15.21
O2 NOV H . -20.09 21.60 15.51
C14 NOV H . -22.35 20.98 15.94
C15 NOV H . -23.49 20.34 15.43
C16 NOV H . -24.65 20.20 16.18
C17 NOV H . -24.67 20.73 17.48
O3 NOV H . -25.76 20.59 18.27
C18 NOV H . -23.56 21.42 17.98
C19 NOV H . -22.42 21.54 17.21
C20 NOV H . -25.78 19.44 15.53
C21 NOV H . -26.22 18.24 16.34
C22 NOV H . -26.29 16.98 15.97
C24 NOV H . -25.94 16.47 14.60
C25 NOV H . -26.73 15.91 16.92
#